data_6BIQ
#
_entry.id   6BIQ
#
_cell.length_a   36.820
_cell.length_b   99.030
_cell.length_c   102.839
_cell.angle_alpha   115.02
_cell.angle_beta   96.28
_cell.angle_gamma   94.28
#
_symmetry.space_group_name_H-M   'P 1'
#
loop_
_entity.id
_entity.type
_entity.pdbx_description
1 polymer 'Clan CA, family C40, NlpC/P60 superfamily cysteine peptidase'
2 water water
#
_entity_poly.entity_id   1
_entity_poly.type   'polypeptide(L)'
_entity_poly.pdbx_seq_one_letter_code
;GPGMLSVLLCTSSSYQTQTIGRLTTPGTNLVKAYKTSNPDLNRNCYWLYFDYYVHILGYENGFAHVRIGTEDCWISKDSL
EEITIPTKSVTEANIYSEPSRAETIIRYVPANSDVTILDFNCDGFYRINYRGYIGYILEDALQYKWKQVDGANDGERAAN
LVKTKLGCKYVWAMSGPDTFDCSGLMQWAYNRLDIFMHRTADVQGNHGQLIEDAKDILPGDIITFHTDSEKPTAVTHVGM
YVGNGQFIHASTNGYVVRYQDFNSYPYPVSSIRRYWTK
;
_entity_poly.pdbx_strand_id   A,B,C,D
#
# COMPACT_ATOMS: atom_id res chain seq x y z
N SER A 13 8.80 44.91 -46.94
CA SER A 13 9.68 44.89 -45.79
C SER A 13 10.22 43.47 -45.56
N SER A 14 11.36 43.37 -44.90
CA SER A 14 12.05 42.09 -44.77
C SER A 14 11.53 41.34 -43.54
N TYR A 15 11.13 40.10 -43.76
CA TYR A 15 10.72 39.23 -42.66
C TYR A 15 11.95 38.65 -41.98
N GLN A 16 11.95 38.67 -40.64
CA GLN A 16 13.11 38.19 -39.90
C GLN A 16 13.24 36.67 -40.03
N THR A 17 14.46 36.22 -40.27
CA THR A 17 14.73 34.81 -40.45
C THR A 17 14.79 34.12 -39.09
N GLN A 18 13.95 33.09 -38.90
CA GLN A 18 13.82 32.42 -37.62
C GLN A 18 13.74 30.91 -37.84
N THR A 19 14.09 30.17 -36.80
CA THR A 19 13.92 28.72 -36.77
C THR A 19 12.94 28.37 -35.65
N ILE A 20 12.70 27.08 -35.47
CA ILE A 20 11.66 26.59 -34.57
C ILE A 20 12.31 25.95 -33.36
N GLY A 21 11.91 26.37 -32.17
CA GLY A 21 12.44 25.85 -30.94
C GLY A 21 11.37 25.08 -30.17
N ARG A 22 11.76 23.95 -29.59
CA ARG A 22 10.90 23.24 -28.67
C ARG A 22 11.62 23.09 -27.34
N LEU A 23 10.99 23.56 -26.27
CA LEU A 23 11.61 23.50 -24.95
C LEU A 23 11.69 22.07 -24.45
N THR A 24 12.85 21.68 -23.93
CA THR A 24 13.06 20.37 -23.35
C THR A 24 13.35 20.45 -21.86
N THR A 25 13.69 21.64 -21.34
CA THR A 25 13.96 21.87 -19.93
C THR A 25 14.52 20.62 -19.27
N PRO A 26 15.72 20.19 -19.68
CA PRO A 26 16.24 18.88 -19.27
C PRO A 26 16.25 18.70 -17.77
N GLY A 27 15.71 17.55 -17.33
CA GLY A 27 15.68 17.19 -15.93
C GLY A 27 14.63 17.90 -15.10
N THR A 28 13.78 18.70 -15.73
CA THR A 28 12.76 19.44 -15.00
C THR A 28 11.67 19.81 -15.98
N ASN A 29 10.89 20.85 -15.65
CA ASN A 29 9.77 21.26 -16.47
C ASN A 29 9.74 22.75 -16.79
N LEU A 30 10.71 23.54 -16.32
CA LEU A 30 10.65 24.99 -16.52
C LEU A 30 12.05 25.56 -16.68
N VAL A 31 12.11 26.76 -17.23
CA VAL A 31 13.37 27.49 -17.31
C VAL A 31 13.08 28.98 -17.16
N LYS A 32 13.93 29.67 -16.40
CA LYS A 32 13.77 31.10 -16.22
C LYS A 32 13.98 31.82 -17.54
N ALA A 33 13.21 32.88 -17.74
CA ALA A 33 13.31 33.73 -18.92
C ALA A 33 13.66 35.14 -18.49
N TYR A 34 14.42 35.84 -19.31
CA TYR A 34 14.86 37.19 -18.98
C TYR A 34 14.64 38.12 -20.15
N LYS A 35 14.66 39.42 -19.87
CA LYS A 35 14.39 40.44 -20.88
C LYS A 35 15.66 40.99 -21.51
N THR A 36 16.83 40.51 -21.10
CA THR A 36 18.08 40.84 -21.77
C THR A 36 18.95 39.58 -21.80
N SER A 37 20.00 39.64 -22.63
CA SER A 37 20.91 38.52 -22.80
C SER A 37 21.98 38.45 -21.72
N ASN A 38 22.07 39.46 -20.85
CA ASN A 38 22.97 39.44 -19.69
C ASN A 38 22.19 39.85 -18.45
N PRO A 39 21.36 38.96 -17.92
CA PRO A 39 20.47 39.35 -16.84
C PRO A 39 21.05 39.06 -15.46
N ASP A 40 20.41 39.66 -14.47
CA ASP A 40 20.53 39.21 -13.09
C ASP A 40 19.72 37.92 -13.00
N LEU A 41 20.39 36.78 -12.84
CA LEU A 41 19.70 35.50 -13.01
C LEU A 41 18.57 35.32 -12.02
N ASN A 42 18.62 35.99 -10.88
CA ASN A 42 17.56 35.87 -9.89
C ASN A 42 16.41 36.85 -10.12
N ARG A 43 16.51 37.74 -11.09
CA ARG A 43 15.37 38.57 -11.50
C ARG A 43 14.97 38.19 -12.93
N ASN A 44 14.36 37.01 -13.04
CA ASN A 44 13.74 36.59 -14.28
C ASN A 44 12.36 37.24 -14.40
N CYS A 45 11.92 37.50 -15.63
CA CYS A 45 10.61 38.11 -15.82
C CYS A 45 9.48 37.11 -15.62
N TYR A 46 9.74 35.84 -15.93
CA TYR A 46 8.81 34.74 -15.73
C TYR A 46 9.53 33.46 -16.14
N TRP A 47 8.77 32.41 -16.43
CA TRP A 47 9.33 31.16 -16.92
C TRP A 47 8.68 30.79 -18.23
N LEU A 48 9.34 29.88 -18.95
CA LEU A 48 8.74 29.14 -20.04
C LEU A 48 8.87 27.66 -19.70
N TYR A 49 8.09 26.82 -20.38
CA TYR A 49 7.81 25.50 -19.88
C TYR A 49 8.06 24.40 -20.90
N PHE A 50 8.17 23.19 -20.35
CA PHE A 50 8.48 22.00 -21.14
C PHE A 50 7.43 21.79 -22.22
N ASP A 51 7.90 21.46 -23.42
CA ASP A 51 7.09 21.18 -24.61
C ASP A 51 6.39 22.40 -25.17
N TYR A 52 6.65 23.60 -24.65
CA TYR A 52 6.22 24.80 -25.35
C TYR A 52 7.02 24.97 -26.64
N TYR A 53 6.42 25.69 -27.59
CA TYR A 53 7.03 25.95 -28.88
C TYR A 53 7.31 27.44 -29.04
N VAL A 54 8.45 27.76 -29.66
CA VAL A 54 8.86 29.15 -29.85
C VAL A 54 9.52 29.32 -31.22
N HIS A 55 9.63 30.58 -31.63
CA HIS A 55 10.51 30.96 -32.71
C HIS A 55 11.87 31.33 -32.12
N ILE A 56 12.94 30.74 -32.63
CA ILE A 56 14.31 31.07 -32.22
C ILE A 56 14.83 32.20 -33.11
N LEU A 57 15.17 33.33 -32.49
CA LEU A 57 15.75 34.47 -33.22
C LEU A 57 17.26 34.40 -33.32
N GLY A 58 17.92 33.84 -32.32
CA GLY A 58 19.37 33.83 -32.30
C GLY A 58 19.87 33.49 -30.90
N TYR A 59 21.20 33.55 -30.77
CA TYR A 59 21.87 33.22 -29.53
C TYR A 59 22.83 34.33 -29.14
N GLU A 60 23.00 34.50 -27.83
CA GLU A 60 23.88 35.52 -27.28
C GLU A 60 24.13 35.26 -25.80
N ASN A 61 25.39 35.16 -25.41
CA ASN A 61 25.80 35.04 -24.01
C ASN A 61 25.25 33.78 -23.34
N GLY A 62 25.07 32.70 -24.10
CA GLY A 62 24.55 31.46 -23.55
C GLY A 62 23.04 31.36 -23.49
N PHE A 63 22.31 32.37 -23.98
CA PHE A 63 20.86 32.37 -24.03
C PHE A 63 20.37 32.32 -25.47
N ALA A 64 19.14 31.85 -25.63
CA ALA A 64 18.41 31.90 -26.89
C ALA A 64 17.41 33.04 -26.87
N HIS A 65 17.38 33.81 -27.95
CA HIS A 65 16.38 34.86 -28.12
C HIS A 65 15.18 34.21 -28.76
N VAL A 66 14.09 34.05 -28.01
CA VAL A 66 12.94 33.31 -28.49
C VAL A 66 11.74 34.22 -28.52
N ARG A 67 10.75 33.84 -29.33
CA ARG A 67 9.56 34.63 -29.56
C ARG A 67 8.33 33.74 -29.56
N ILE A 68 7.29 34.18 -28.87
CA ILE A 68 5.99 33.54 -28.89
C ILE A 68 5.00 34.64 -29.25
N GLY A 69 4.52 34.64 -30.48
CA GLY A 69 3.64 35.71 -30.91
C GLY A 69 4.30 37.07 -30.78
N THR A 70 3.69 37.98 -30.03
CA THR A 70 4.17 39.34 -29.86
C THR A 70 5.16 39.49 -28.72
N GLU A 71 5.56 38.39 -28.11
CA GLU A 71 6.39 38.38 -26.92
C GLU A 71 7.75 37.84 -27.30
N ASP A 72 8.80 38.43 -26.77
CA ASP A 72 10.15 37.91 -26.94
C ASP A 72 10.87 37.95 -25.61
N CYS A 73 11.75 36.97 -25.41
CA CYS A 73 12.49 36.88 -24.17
C CYS A 73 13.71 35.99 -24.42
N TRP A 74 14.47 35.79 -23.36
CA TRP A 74 15.72 35.04 -23.40
C TRP A 74 15.67 33.91 -22.39
N ILE A 75 16.07 32.71 -22.83
CA ILE A 75 16.15 31.52 -21.97
C ILE A 75 17.45 30.79 -22.27
N SER A 76 17.94 30.04 -21.29
CA SER A 76 19.20 29.32 -21.48
C SER A 76 19.12 28.45 -22.73
N LYS A 77 20.18 28.48 -23.54
CA LYS A 77 20.15 27.73 -24.78
C LYS A 77 20.04 26.23 -24.54
N ASP A 78 20.38 25.76 -23.34
CA ASP A 78 20.31 24.33 -23.03
C ASP A 78 18.89 23.83 -22.76
N SER A 79 17.91 24.72 -22.64
CA SER A 79 16.54 24.33 -22.29
C SER A 79 15.67 24.01 -23.50
N LEU A 80 16.11 24.30 -24.72
CA LEU A 80 15.30 24.05 -25.90
C LEU A 80 16.16 23.41 -26.98
N GLU A 81 15.50 22.88 -28.00
CA GLU A 81 16.18 22.26 -29.13
C GLU A 81 15.58 22.81 -30.40
N GLU A 82 16.43 23.05 -31.38
CA GLU A 82 15.98 23.53 -32.68
C GLU A 82 15.51 22.36 -33.52
N ILE A 83 14.36 22.53 -34.17
CA ILE A 83 13.71 21.44 -34.87
C ILE A 83 13.25 21.87 -36.26
N THR A 84 13.14 20.88 -37.13
CA THR A 84 12.58 21.05 -38.46
C THR A 84 11.47 20.04 -38.67
N ILE A 85 10.57 20.35 -39.60
CA ILE A 85 9.36 19.55 -39.78
C ILE A 85 9.22 19.14 -41.24
N PRO A 86 9.33 17.84 -41.56
CA PRO A 86 9.17 17.43 -42.95
C PRO A 86 7.71 17.24 -43.33
N THR A 87 7.42 17.56 -44.57
CA THR A 87 6.05 17.48 -45.07
C THR A 87 6.09 17.46 -46.59
N LYS A 88 4.94 17.16 -47.19
CA LYS A 88 4.75 17.21 -48.63
C LYS A 88 3.89 18.42 -48.98
N SER A 89 4.05 18.90 -50.20
CA SER A 89 3.09 19.87 -50.69
C SER A 89 1.86 19.15 -51.21
N VAL A 90 0.74 19.87 -51.25
CA VAL A 90 -0.51 19.35 -51.76
C VAL A 90 -0.98 20.09 -52.99
N THR A 91 -0.26 21.13 -53.39
CA THR A 91 -0.67 21.96 -54.51
C THR A 91 0.58 22.64 -55.03
N GLU A 92 0.75 22.62 -56.33
CA GLU A 92 1.80 23.41 -56.94
C GLU A 92 1.79 24.81 -56.34
N ALA A 93 2.97 25.35 -56.07
CA ALA A 93 3.10 26.67 -55.49
C ALA A 93 4.51 27.19 -55.77
N ASN A 94 4.71 28.48 -55.51
CA ASN A 94 6.01 29.13 -55.68
C ASN A 94 6.65 29.42 -54.33
N ILE A 95 7.95 29.16 -54.25
CA ILE A 95 8.77 29.65 -53.13
C ILE A 95 9.18 31.09 -53.42
N TYR A 96 8.64 32.04 -52.66
CA TYR A 96 9.06 33.43 -52.76
C TYR A 96 10.16 33.73 -51.75
N SER A 97 10.88 34.84 -52.00
CA SER A 97 11.98 35.23 -51.13
C SER A 97 11.52 35.90 -49.85
N GLU A 98 10.29 36.40 -49.80
CA GLU A 98 9.68 36.96 -48.60
C GLU A 98 8.24 36.50 -48.57
N PRO A 99 7.59 36.53 -47.40
CA PRO A 99 6.20 36.08 -47.32
C PRO A 99 5.25 37.00 -48.08
N SER A 100 5.41 37.04 -49.39
CA SER A 100 4.61 37.91 -50.24
C SER A 100 4.63 37.38 -51.67
N ARG A 101 3.47 37.36 -52.31
CA ARG A 101 3.40 36.94 -53.70
C ARG A 101 4.01 37.98 -54.64
N ALA A 102 4.24 39.20 -54.16
CA ALA A 102 4.80 40.28 -54.98
C ALA A 102 6.32 40.33 -54.92
N GLU A 103 6.97 39.33 -54.34
CA GLU A 103 8.41 39.34 -54.22
C GLU A 103 9.04 38.41 -55.25
N THR A 104 10.36 38.42 -55.30
CA THR A 104 11.08 37.67 -56.31
C THR A 104 10.91 36.18 -56.08
N ILE A 105 10.52 35.48 -57.14
CA ILE A 105 10.35 34.04 -57.09
C ILE A 105 11.71 33.36 -57.00
N ILE A 106 11.78 32.29 -56.22
CA ILE A 106 13.00 31.51 -56.10
C ILE A 106 12.89 30.16 -56.81
N ARG A 107 11.71 29.55 -56.87
CA ARG A 107 11.53 28.24 -57.50
C ARG A 107 10.04 27.96 -57.67
N TYR A 108 9.72 27.19 -58.70
CA TYR A 108 8.42 26.53 -58.80
C TYR A 108 8.50 25.17 -58.11
N VAL A 109 7.49 24.86 -57.31
CA VAL A 109 7.48 23.61 -56.55
C VAL A 109 6.30 22.78 -57.04
N PRO A 110 6.52 21.62 -57.65
CA PRO A 110 5.38 20.83 -58.11
C PRO A 110 4.59 20.27 -56.94
N ALA A 111 3.37 19.84 -57.24
CA ALA A 111 2.53 19.28 -56.22
C ALA A 111 3.12 17.96 -55.74
N ASN A 112 2.89 17.67 -54.46
CA ASN A 112 3.42 16.46 -53.83
C ASN A 112 4.94 16.40 -53.88
N SER A 113 5.57 17.53 -53.53
CA SER A 113 7.02 17.63 -53.38
C SER A 113 7.40 17.50 -51.91
N ASP A 114 8.53 16.83 -51.64
CA ASP A 114 9.05 16.77 -50.28
C ASP A 114 9.77 18.05 -49.93
N VAL A 115 9.33 18.69 -48.83
CA VAL A 115 9.92 19.94 -48.37
C VAL A 115 10.22 19.80 -46.88
N THR A 116 10.95 20.78 -46.34
CA THR A 116 11.31 20.80 -44.94
C THR A 116 10.93 22.16 -44.40
N ILE A 117 10.11 22.18 -43.34
CA ILE A 117 9.67 23.43 -42.72
C ILE A 117 10.75 23.90 -41.77
N LEU A 118 11.09 25.18 -41.85
CA LEU A 118 12.08 25.81 -40.98
C LEU A 118 11.47 26.84 -40.04
N ASP A 119 10.35 27.44 -40.40
CA ASP A 119 9.65 28.40 -39.57
C ASP A 119 8.19 28.39 -39.95
N PHE A 120 7.35 28.89 -39.03
CA PHE A 120 5.90 28.81 -39.20
C PHE A 120 5.26 30.13 -38.83
N ASN A 121 4.03 30.32 -39.30
CA ASN A 121 3.22 31.49 -38.96
C ASN A 121 3.90 32.77 -39.44
N CYS A 122 4.52 32.70 -40.62
CA CYS A 122 5.25 33.85 -41.19
C CYS A 122 4.30 34.65 -42.09
N ASP A 123 3.38 35.38 -41.46
CA ASP A 123 2.40 36.22 -42.14
C ASP A 123 1.68 35.43 -43.24
N GLY A 124 1.27 34.21 -42.88
CA GLY A 124 0.52 33.36 -43.77
C GLY A 124 1.35 32.38 -44.55
N PHE A 125 2.66 32.33 -44.31
CA PHE A 125 3.58 31.46 -45.04
C PHE A 125 4.37 30.60 -44.08
N TYR A 126 4.76 29.41 -44.54
CA TYR A 126 5.87 28.67 -43.96
C TYR A 126 7.16 29.11 -44.63
N ARG A 127 8.26 29.02 -43.89
CA ARG A 127 9.58 29.18 -44.49
C ARG A 127 10.19 27.79 -44.65
N ILE A 128 10.50 27.40 -45.89
CA ILE A 128 10.83 26.00 -46.15
C ILE A 128 12.17 25.88 -46.83
N ASN A 129 12.61 24.64 -46.95
CA ASN A 129 13.78 24.25 -47.72
C ASN A 129 13.33 23.18 -48.72
N TYR A 130 13.37 23.53 -50.01
CA TYR A 130 13.06 22.58 -51.09
C TYR A 130 14.35 22.34 -51.88
N ARG A 131 14.98 21.20 -51.63
CA ARG A 131 16.19 20.77 -52.34
C ARG A 131 17.27 21.84 -52.35
N GLY A 132 17.42 22.52 -51.21
CA GLY A 132 18.42 23.55 -51.04
C GLY A 132 17.90 24.94 -51.26
N TYR A 133 16.79 25.08 -51.99
CA TYR A 133 16.16 26.36 -52.21
C TYR A 133 15.34 26.76 -50.98
N ILE A 134 15.56 27.99 -50.52
CA ILE A 134 15.05 28.47 -49.25
C ILE A 134 14.15 29.67 -49.52
N GLY A 135 12.99 29.67 -48.87
CA GLY A 135 12.06 30.77 -49.04
C GLY A 135 10.71 30.43 -48.43
N TYR A 136 9.73 31.28 -48.74
CA TYR A 136 8.42 31.25 -48.11
C TYR A 136 7.39 30.69 -49.08
N ILE A 137 6.55 29.78 -48.59
CA ILE A 137 5.51 29.13 -49.37
C ILE A 137 4.21 29.24 -48.60
N LEU A 138 3.11 29.44 -49.32
CA LEU A 138 1.81 29.61 -48.68
C LEU A 138 1.52 28.42 -47.77
N GLU A 139 0.93 28.71 -46.61
CA GLU A 139 0.67 27.67 -45.62
C GLU A 139 -0.19 26.55 -46.20
N ASP A 140 -1.32 26.91 -46.80
CA ASP A 140 -2.26 25.93 -47.31
C ASP A 140 -1.74 25.13 -48.51
N ALA A 141 -0.54 25.43 -49.01
CA ALA A 141 0.08 24.59 -50.03
C ALA A 141 0.74 23.36 -49.44
N LEU A 142 0.94 23.32 -48.13
CA LEU A 142 1.62 22.21 -47.48
C LEU A 142 0.64 21.35 -46.70
N GLN A 143 0.98 20.07 -46.59
CA GLN A 143 0.15 19.13 -45.85
C GLN A 143 0.10 19.50 -44.37
N TYR A 144 1.27 19.73 -43.77
CA TYR A 144 1.36 19.93 -42.33
C TYR A 144 0.59 21.17 -41.90
N LYS A 145 -0.22 21.02 -40.86
CA LYS A 145 -0.99 22.13 -40.29
C LYS A 145 -0.48 22.34 -38.87
N TRP A 146 0.24 23.45 -38.65
CA TRP A 146 0.96 23.66 -37.41
C TRP A 146 0.05 23.93 -36.22
N LYS A 147 -1.21 24.23 -36.45
CA LYS A 147 -2.12 24.43 -35.34
C LYS A 147 -2.74 23.13 -34.85
N GLN A 148 -2.63 22.05 -35.63
CA GLN A 148 -2.99 20.71 -35.20
C GLN A 148 -4.49 20.49 -35.25
N VAL A 149 -5.27 21.48 -34.82
CA VAL A 149 -6.72 21.34 -34.74
C VAL A 149 -7.36 22.26 -35.77
N ASP A 150 -8.62 21.99 -36.06
CA ASP A 150 -9.42 22.84 -36.93
C ASP A 150 -10.35 23.69 -36.09
N GLY A 151 -11.05 24.58 -36.77
CA GLY A 151 -11.93 25.54 -36.16
C GLY A 151 -12.01 26.77 -37.04
N ALA A 152 -13.09 27.53 -36.87
CA ALA A 152 -13.31 28.67 -37.73
C ALA A 152 -12.38 29.82 -37.39
N ASN A 153 -11.93 29.91 -36.13
CA ASN A 153 -10.98 30.94 -35.73
C ASN A 153 -10.11 30.39 -34.61
N ASP A 154 -9.09 31.17 -34.24
CA ASP A 154 -8.16 30.72 -33.21
C ASP A 154 -8.87 30.50 -31.88
N GLY A 155 -9.99 31.21 -31.65
CA GLY A 155 -10.76 30.96 -30.44
C GLY A 155 -11.32 29.55 -30.39
N GLU A 156 -11.97 29.13 -31.47
CA GLU A 156 -12.47 27.77 -31.53
C GLU A 156 -11.33 26.76 -31.49
N ARG A 157 -10.19 27.10 -32.09
CA ARG A 157 -9.03 26.22 -32.05
C ARG A 157 -8.51 26.05 -30.62
N ALA A 158 -8.39 27.15 -29.87
CA ALA A 158 -7.98 27.02 -28.48
C ALA A 158 -8.94 26.12 -27.72
N ALA A 159 -10.23 26.27 -27.97
CA ALA A 159 -11.23 25.45 -27.32
C ALA A 159 -11.05 23.98 -27.68
N ASN A 160 -10.77 23.68 -28.95
CA ASN A 160 -10.56 22.28 -29.33
C ASN A 160 -9.28 21.72 -28.71
N LEU A 161 -8.26 22.56 -28.54
CA LEU A 161 -7.03 22.09 -27.91
C LEU A 161 -7.28 21.70 -26.46
N VAL A 162 -7.97 22.55 -25.70
CA VAL A 162 -8.16 22.20 -24.29
C VAL A 162 -9.07 20.97 -24.20
N LYS A 163 -10.01 20.82 -25.13
CA LYS A 163 -10.85 19.64 -25.10
C LYS A 163 -10.02 18.37 -25.22
N THR A 164 -8.91 18.40 -25.97
CA THR A 164 -8.07 17.21 -26.04
C THR A 164 -7.44 16.85 -24.70
N LYS A 165 -7.44 17.75 -23.73
CA LYS A 165 -6.85 17.46 -22.43
C LYS A 165 -7.91 17.11 -21.37
N LEU A 166 -9.18 17.03 -21.77
CA LEU A 166 -10.20 16.58 -20.82
C LEU A 166 -9.76 15.28 -20.17
N GLY A 167 -9.91 15.22 -18.85
CA GLY A 167 -9.50 14.06 -18.11
C GLY A 167 -8.08 14.11 -17.55
N CYS A 168 -7.24 15.00 -18.06
CA CYS A 168 -5.90 15.12 -17.50
C CYS A 168 -5.97 15.47 -16.02
N LYS A 169 -4.98 14.98 -15.26
CA LYS A 169 -4.95 15.19 -13.83
C LYS A 169 -4.39 16.58 -13.50
N TYR A 170 -4.78 17.07 -12.31
CA TYR A 170 -4.44 18.40 -11.84
C TYR A 170 -3.13 18.37 -11.08
N VAL A 171 -2.18 19.21 -11.47
CA VAL A 171 -0.94 19.35 -10.71
C VAL A 171 -0.57 20.83 -10.69
N TRP A 172 -0.34 21.35 -9.48
CA TRP A 172 -0.01 22.75 -9.31
C TRP A 172 1.19 23.11 -10.16
N ALA A 173 1.12 24.26 -10.82
CA ALA A 173 2.24 24.85 -11.55
C ALA A 173 2.62 24.07 -12.81
N MET A 174 1.72 23.28 -13.38
CA MET A 174 2.04 22.51 -14.58
C MET A 174 1.29 23.06 -15.78
N SER A 175 1.91 22.89 -16.96
CA SER A 175 1.40 23.41 -18.22
C SER A 175 1.63 22.40 -19.36
N GLY A 176 1.53 21.11 -19.04
CA GLY A 176 1.54 20.06 -20.05
C GLY A 176 2.79 19.25 -20.22
N PRO A 177 2.71 18.19 -21.03
CA PRO A 177 1.55 17.79 -21.82
C PRO A 177 0.45 16.98 -21.08
N ASP A 178 0.74 16.40 -19.92
CA ASP A 178 -0.17 15.44 -19.30
C ASP A 178 -0.85 15.92 -18.03
N THR A 179 -0.31 16.92 -17.34
CA THR A 179 -0.92 17.45 -16.14
C THR A 179 -0.94 18.97 -16.23
N PHE A 180 -1.89 19.57 -15.52
CA PHE A 180 -2.13 21.02 -15.60
C PHE A 180 -2.70 21.54 -14.29
N ASP A 181 -2.51 22.84 -14.09
CA ASP A 181 -3.35 23.66 -13.22
C ASP A 181 -4.14 24.61 -14.13
N CYS A 182 -5.01 25.39 -13.52
CA CYS A 182 -6.01 26.12 -14.31
C CYS A 182 -5.34 27.06 -15.31
N SER A 183 -4.38 27.84 -14.83
CA SER A 183 -3.75 28.85 -15.68
C SER A 183 -2.73 28.22 -16.64
N GLY A 184 -2.03 27.17 -16.22
CA GLY A 184 -1.13 26.48 -17.13
C GLY A 184 -1.87 25.88 -18.32
N LEU A 185 -3.07 25.35 -18.11
CA LEU A 185 -3.85 24.85 -19.23
C LEU A 185 -4.12 25.95 -20.25
N MET A 186 -4.44 27.17 -19.80
CA MET A 186 -4.74 28.25 -20.72
C MET A 186 -3.50 28.63 -21.53
N GLN A 187 -2.37 28.84 -20.85
CA GLN A 187 -1.16 29.30 -21.53
C GLN A 187 -0.63 28.24 -22.48
N TRP A 188 -0.69 26.96 -22.08
CA TRP A 188 -0.30 25.87 -22.96
C TRP A 188 -1.09 25.92 -24.28
N ALA A 189 -2.41 26.11 -24.18
CA ALA A 189 -3.25 26.08 -25.37
C ALA A 189 -2.91 27.20 -26.33
N TYR A 190 -2.78 28.42 -25.80
CA TYR A 190 -2.45 29.52 -26.69
C TYR A 190 -0.98 29.48 -27.12
N ASN A 191 -0.11 28.79 -26.39
CA ASN A 191 1.23 28.58 -26.89
C ASN A 191 1.21 27.73 -28.16
N ARG A 192 0.35 26.71 -28.19
CA ARG A 192 0.19 25.89 -29.38
C ARG A 192 -0.30 26.69 -30.58
N LEU A 193 -0.89 27.86 -30.34
CA LEU A 193 -1.31 28.76 -31.41
C LEU A 193 -0.36 29.94 -31.59
N ASP A 194 0.83 29.88 -31.00
CA ASP A 194 1.81 30.96 -31.12
C ASP A 194 1.26 32.31 -30.63
N ILE A 195 0.38 32.30 -29.64
CA ILE A 195 -0.10 33.52 -28.99
C ILE A 195 0.33 33.45 -27.53
N PHE A 196 0.92 34.52 -27.05
CA PHE A 196 1.49 34.53 -25.71
C PHE A 196 0.51 35.12 -24.70
N MET A 197 0.37 34.44 -23.56
CA MET A 197 -0.28 35.00 -22.38
C MET A 197 0.59 34.66 -21.18
N HIS A 198 0.46 35.46 -20.13
CA HIS A 198 1.26 35.21 -18.94
C HIS A 198 0.74 33.98 -18.21
N ARG A 199 1.45 33.63 -17.14
CA ARG A 199 1.30 32.32 -16.53
C ARG A 199 0.27 32.28 -15.40
N THR A 200 0.08 33.38 -14.66
CA THR A 200 -0.78 33.40 -13.50
C THR A 200 -2.17 33.91 -13.88
N ALA A 201 -3.19 33.36 -13.21
CA ALA A 201 -4.57 33.64 -13.59
C ALA A 201 -4.88 35.12 -13.50
N ASP A 202 -4.37 35.82 -12.48
CA ASP A 202 -4.77 37.20 -12.30
C ASP A 202 -4.22 38.09 -13.41
N VAL A 203 -3.02 37.79 -13.90
CA VAL A 203 -2.46 38.57 -15.02
C VAL A 203 -3.19 38.22 -16.32
N GLN A 204 -3.53 36.95 -16.49
CA GLN A 204 -4.30 36.54 -17.66
C GLN A 204 -5.59 37.34 -17.80
N GLY A 205 -6.24 37.64 -16.68
CA GLY A 205 -7.49 38.37 -16.72
C GLY A 205 -7.38 39.86 -16.92
N ASN A 206 -6.16 40.41 -16.97
CA ASN A 206 -5.98 41.84 -17.14
C ASN A 206 -5.37 42.19 -18.49
N HIS A 207 -5.36 41.26 -19.44
CA HIS A 207 -4.80 41.51 -20.77
C HIS A 207 -5.63 40.75 -21.80
N GLY A 208 -5.34 41.02 -23.06
CA GLY A 208 -6.22 40.60 -24.13
C GLY A 208 -7.40 41.54 -24.23
N GLN A 209 -8.24 41.27 -25.22
CA GLN A 209 -9.42 42.09 -25.46
C GLN A 209 -10.49 41.83 -24.40
N LEU A 210 -10.91 42.87 -23.69
CA LEU A 210 -11.93 42.73 -22.67
C LEU A 210 -13.31 42.52 -23.30
N ILE A 211 -13.99 41.47 -22.87
CA ILE A 211 -15.37 41.19 -23.28
C ILE A 211 -16.26 41.55 -22.10
N GLU A 212 -16.97 42.67 -22.21
CA GLU A 212 -17.65 43.27 -21.06
C GLU A 212 -18.95 42.55 -20.70
N ASP A 213 -19.62 41.95 -21.68
CA ASP A 213 -20.93 41.33 -21.51
C ASP A 213 -20.83 39.85 -21.85
N ALA A 214 -21.04 38.99 -20.85
CA ALA A 214 -21.01 37.55 -21.06
C ALA A 214 -21.83 37.10 -22.26
N LYS A 215 -22.82 37.89 -22.69
CA LYS A 215 -23.61 37.49 -23.84
C LYS A 215 -22.79 37.42 -25.12
N ASP A 216 -21.67 38.15 -25.17
CA ASP A 216 -20.83 38.18 -26.35
C ASP A 216 -19.67 37.19 -26.27
N ILE A 217 -19.70 36.27 -25.31
CA ILE A 217 -18.60 35.35 -25.13
C ILE A 217 -18.58 34.35 -26.29
N LEU A 218 -17.38 33.90 -26.64
CA LEU A 218 -17.18 32.96 -27.75
C LEU A 218 -16.16 31.92 -27.38
N PRO A 219 -16.14 30.78 -28.06
CA PRO A 219 -15.12 29.75 -27.79
C PRO A 219 -13.72 30.34 -27.82
N GLY A 220 -12.89 29.90 -26.88
CA GLY A 220 -11.53 30.39 -26.78
C GLY A 220 -11.35 31.56 -25.83
N ASP A 221 -12.43 32.29 -25.53
CA ASP A 221 -12.36 33.33 -24.51
C ASP A 221 -12.07 32.70 -23.16
N ILE A 222 -11.23 33.35 -22.36
CA ILE A 222 -10.94 32.84 -21.01
C ILE A 222 -11.75 33.63 -20.00
N ILE A 223 -12.05 32.97 -18.89
CA ILE A 223 -12.88 33.52 -17.81
C ILE A 223 -12.09 33.40 -16.51
N THR A 224 -11.90 34.53 -15.83
CA THR A 224 -11.34 34.56 -14.50
C THR A 224 -12.47 34.60 -13.48
N PHE A 225 -12.20 34.05 -12.29
CA PHE A 225 -13.22 33.93 -11.24
C PHE A 225 -12.67 34.35 -9.89
N HIS A 226 -13.56 34.87 -9.04
CA HIS A 226 -13.28 35.07 -7.63
C HIS A 226 -13.77 33.83 -6.90
N THR A 227 -12.83 33.01 -6.46
CA THR A 227 -13.13 31.75 -5.79
C THR A 227 -12.86 31.78 -4.29
N ASP A 228 -12.34 32.89 -3.77
CA ASP A 228 -12.08 33.04 -2.34
C ASP A 228 -13.07 34.08 -1.82
N SER A 229 -14.09 33.61 -1.09
CA SER A 229 -15.13 34.51 -0.63
C SER A 229 -14.59 35.54 0.37
N GLU A 230 -13.56 35.19 1.16
CA GLU A 230 -12.99 36.14 2.10
C GLU A 230 -11.86 36.99 1.52
N LYS A 231 -11.56 36.82 0.23
CA LYS A 231 -10.69 37.74 -0.51
C LYS A 231 -11.35 37.94 -1.86
N PRO A 232 -12.49 38.63 -1.88
CA PRO A 232 -13.35 38.63 -3.08
C PRO A 232 -12.80 39.45 -4.23
N THR A 233 -11.76 40.28 -4.02
CA THR A 233 -11.15 40.98 -5.15
C THR A 233 -10.05 40.16 -5.79
N ALA A 234 -9.65 39.05 -5.17
CA ALA A 234 -8.52 38.29 -5.64
C ALA A 234 -8.92 37.38 -6.79
N VAL A 235 -7.99 37.19 -7.73
CA VAL A 235 -8.21 36.34 -8.88
C VAL A 235 -7.11 35.28 -8.88
N THR A 236 -7.50 34.04 -8.57
CA THR A 236 -6.58 32.92 -8.60
C THR A 236 -7.01 31.84 -9.56
N HIS A 237 -8.15 31.99 -10.23
CA HIS A 237 -8.62 30.86 -11.01
C HIS A 237 -9.24 31.27 -12.33
N VAL A 238 -9.11 30.38 -13.31
CA VAL A 238 -9.44 30.71 -14.70
C VAL A 238 -9.86 29.46 -15.47
N GLY A 239 -10.74 29.65 -16.45
CA GLY A 239 -11.13 28.60 -17.38
C GLY A 239 -11.36 29.17 -18.76
N MET A 240 -11.63 28.30 -19.73
CA MET A 240 -11.82 28.72 -21.12
C MET A 240 -13.21 28.32 -21.59
N TYR A 241 -13.96 29.30 -22.09
CA TYR A 241 -15.25 29.03 -22.70
C TYR A 241 -15.09 28.18 -23.96
N VAL A 242 -15.95 27.17 -24.13
CA VAL A 242 -15.87 26.28 -25.29
C VAL A 242 -17.19 26.15 -26.02
N GLY A 243 -18.14 27.04 -25.76
CA GLY A 243 -19.40 27.03 -26.48
C GLY A 243 -20.46 26.22 -25.77
N ASN A 244 -21.69 26.36 -26.25
CA ASN A 244 -22.81 25.59 -25.70
C ASN A 244 -22.97 25.84 -24.21
N GLY A 245 -22.69 27.06 -23.76
CA GLY A 245 -22.81 27.41 -22.35
C GLY A 245 -21.81 26.73 -21.43
N GLN A 246 -20.81 26.04 -21.98
CA GLN A 246 -19.82 25.32 -21.20
C GLN A 246 -18.47 26.03 -21.25
N PHE A 247 -17.70 25.89 -20.19
CA PHE A 247 -16.27 26.15 -20.22
C PHE A 247 -15.53 24.95 -19.65
N ILE A 248 -14.23 24.93 -19.89
CA ILE A 248 -13.36 23.86 -19.43
C ILE A 248 -12.30 24.47 -18.52
N HIS A 249 -11.98 23.77 -17.43
CA HIS A 249 -10.93 24.22 -16.53
C HIS A 249 -10.28 23.03 -15.85
N ALA A 250 -9.03 23.23 -15.46
CA ALA A 250 -8.35 22.36 -14.52
C ALA A 250 -8.79 22.74 -13.13
N SER A 251 -9.47 21.83 -12.46
CA SER A 251 -10.18 22.13 -11.21
C SER A 251 -9.75 21.20 -10.09
N THR A 252 -9.67 21.75 -8.88
CA THR A 252 -9.39 20.94 -7.71
C THR A 252 -10.60 20.15 -7.23
N ASN A 253 -11.77 20.41 -7.81
CA ASN A 253 -12.99 19.63 -7.59
C ASN A 253 -12.91 18.40 -8.50
N GLY A 254 -12.16 17.40 -8.05
CA GLY A 254 -11.87 16.23 -8.85
C GLY A 254 -10.43 16.16 -9.32
N TYR A 255 -9.66 17.23 -9.16
CA TYR A 255 -8.26 17.28 -9.59
C TYR A 255 -8.14 16.79 -11.03
N VAL A 256 -8.99 17.35 -11.89
CA VAL A 256 -9.10 16.92 -13.27
C VAL A 256 -9.44 18.14 -14.14
N VAL A 257 -9.12 18.03 -15.43
CA VAL A 257 -9.63 18.97 -16.43
C VAL A 257 -11.02 18.54 -16.84
N ARG A 258 -11.99 19.44 -16.76
CA ARG A 258 -13.37 19.02 -16.90
C ARG A 258 -14.25 20.13 -17.47
N TYR A 259 -15.37 19.72 -18.05
CA TYR A 259 -16.43 20.65 -18.42
C TYR A 259 -17.03 21.27 -17.17
N GLN A 260 -17.66 22.43 -17.36
CA GLN A 260 -18.33 23.12 -16.27
C GLN A 260 -19.42 24.01 -16.84
N ASP A 261 -20.62 23.94 -16.26
CA ASP A 261 -21.71 24.77 -16.76
C ASP A 261 -21.48 26.22 -16.37
N PHE A 262 -21.51 27.10 -17.38
CA PHE A 262 -21.14 28.48 -17.14
C PHE A 262 -22.16 29.20 -16.28
N ASN A 263 -23.45 29.05 -16.60
CA ASN A 263 -24.47 29.88 -15.93
C ASN A 263 -24.70 29.46 -14.49
N SER A 264 -24.53 28.19 -14.16
CA SER A 264 -24.72 27.73 -12.79
C SER A 264 -23.43 27.72 -11.98
N TYR A 265 -22.32 28.16 -12.55
CA TYR A 265 -21.06 28.14 -11.84
C TYR A 265 -21.14 29.07 -10.64
N PRO A 266 -20.89 28.58 -9.43
CA PRO A 266 -21.23 29.39 -8.25
C PRO A 266 -20.18 30.39 -7.80
N TYR A 267 -19.27 30.82 -8.66
CA TYR A 267 -18.28 31.79 -8.23
C TYR A 267 -18.33 32.97 -9.18
N PRO A 268 -18.35 34.20 -8.68
CA PRO A 268 -18.54 35.34 -9.58
C PRO A 268 -17.41 35.48 -10.58
N VAL A 269 -17.76 35.94 -11.78
CA VAL A 269 -16.78 36.24 -12.80
C VAL A 269 -16.01 37.49 -12.43
N SER A 270 -14.71 37.49 -12.70
CA SER A 270 -13.93 38.73 -12.60
C SER A 270 -13.88 39.45 -13.95
N SER A 271 -13.39 38.79 -14.99
CA SER A 271 -13.40 39.39 -16.33
C SER A 271 -13.37 38.28 -17.38
N ILE A 272 -13.82 38.65 -18.58
CA ILE A 272 -13.76 37.81 -19.77
C ILE A 272 -12.76 38.42 -20.75
N ARG A 273 -11.78 37.62 -21.17
CA ARG A 273 -10.68 38.10 -22.00
C ARG A 273 -10.51 37.28 -23.28
N ARG A 274 -10.26 37.99 -24.40
CA ARG A 274 -10.15 37.39 -25.73
C ARG A 274 -8.74 37.61 -26.26
N TYR A 275 -7.96 36.53 -26.29
CA TYR A 275 -6.58 36.59 -26.75
C TYR A 275 -6.44 36.22 -28.22
N TRP A 276 -7.49 35.70 -28.85
CA TRP A 276 -7.46 35.43 -30.27
C TRP A 276 -8.01 36.62 -31.06
N THR A 277 -7.53 36.79 -32.28
CA THR A 277 -7.90 37.94 -33.09
C THR A 277 -8.45 37.57 -34.45
N LYS A 278 -8.52 36.29 -34.78
CA LYS A 278 -8.97 35.86 -36.10
C LYS A 278 -8.98 34.32 -36.18
N SER B 14 -17.65 -37.27 48.02
CA SER B 14 -17.43 -38.33 47.03
C SER B 14 -17.11 -37.76 45.65
N TYR B 15 -15.98 -38.15 45.06
CA TYR B 15 -15.44 -37.49 43.88
C TYR B 15 -15.84 -38.20 42.60
N GLN B 16 -16.30 -37.43 41.61
CA GLN B 16 -16.72 -38.00 40.34
C GLN B 16 -15.53 -38.60 39.62
N THR B 17 -15.68 -39.83 39.16
CA THR B 17 -14.61 -40.54 38.47
C THR B 17 -14.54 -40.06 37.04
N GLN B 18 -13.38 -39.53 36.65
CA GLN B 18 -13.19 -38.91 35.36
C GLN B 18 -11.86 -39.37 34.76
N THR B 19 -11.74 -39.28 33.45
CA THR B 19 -10.47 -39.50 32.78
C THR B 19 -10.04 -38.20 32.10
N ILE B 20 -8.94 -38.26 31.35
CA ILE B 20 -8.31 -37.08 30.78
C ILE B 20 -8.50 -37.09 29.28
N GLY B 21 -8.98 -35.99 28.73
CA GLY B 21 -9.16 -35.82 27.30
C GLY B 21 -8.20 -34.79 26.73
N ARG B 22 -7.65 -35.09 25.56
CA ARG B 22 -6.90 -34.10 24.79
C ARG B 22 -7.58 -33.95 23.43
N LEU B 23 -7.99 -32.72 23.11
CA LEU B 23 -8.74 -32.48 21.89
C LEU B 23 -7.83 -32.62 20.68
N THR B 24 -8.31 -33.32 19.65
CA THR B 24 -7.56 -33.51 18.41
C THR B 24 -8.22 -32.94 17.18
N THR B 25 -9.53 -32.61 17.22
CA THR B 25 -10.30 -31.99 16.13
C THR B 25 -9.76 -32.39 14.77
N PRO B 26 -9.86 -33.66 14.40
CA PRO B 26 -9.14 -34.17 13.23
C PRO B 26 -9.35 -33.33 11.97
N GLY B 27 -8.25 -32.96 11.33
CA GLY B 27 -8.30 -32.23 10.08
C GLY B 27 -8.65 -30.76 10.21
N THR B 28 -8.73 -30.25 11.43
CA THR B 28 -9.07 -28.85 11.63
C THR B 28 -8.54 -28.44 13.01
N ASN B 29 -9.10 -27.36 13.57
CA ASN B 29 -8.63 -26.80 14.82
C ASN B 29 -9.75 -26.60 15.85
N LEU B 30 -10.98 -26.97 15.53
CA LEU B 30 -12.10 -26.67 16.41
C LEU B 30 -13.15 -27.76 16.29
N VAL B 31 -14.02 -27.81 17.31
CA VAL B 31 -15.17 -28.69 17.32
C VAL B 31 -16.32 -27.96 18.01
N LYS B 32 -17.52 -28.08 17.44
CA LYS B 32 -18.65 -27.43 18.07
C LYS B 32 -18.94 -28.05 19.43
N ALA B 33 -19.41 -27.20 20.35
CA ALA B 33 -19.75 -27.62 21.69
C ALA B 33 -21.23 -27.34 21.93
N TYR B 34 -21.86 -28.20 22.71
CA TYR B 34 -23.27 -28.08 23.02
C TYR B 34 -23.51 -28.29 24.51
N LYS B 35 -24.64 -27.77 24.98
CA LYS B 35 -24.98 -27.86 26.39
C LYS B 35 -25.91 -29.02 26.72
N THR B 36 -26.32 -29.81 25.73
CA THR B 36 -27.04 -31.05 26.00
C THR B 36 -26.54 -32.11 25.04
N SER B 37 -26.85 -33.37 25.35
CA SER B 37 -26.35 -34.49 24.56
C SER B 37 -27.19 -34.78 23.32
N ASN B 38 -28.33 -34.12 23.15
CA ASN B 38 -29.14 -34.26 21.94
C ASN B 38 -29.51 -32.87 21.44
N PRO B 39 -28.56 -32.16 20.85
CA PRO B 39 -28.81 -30.76 20.51
C PRO B 39 -29.24 -30.54 19.07
N ASP B 40 -29.72 -29.34 18.80
CA ASP B 40 -29.81 -28.82 17.45
C ASP B 40 -28.39 -28.50 17.00
N LEU B 41 -27.86 -29.26 16.04
CA LEU B 41 -26.44 -29.17 15.71
C LEU B 41 -26.02 -27.77 15.24
N ASN B 42 -26.96 -26.96 14.75
CA ASN B 42 -26.69 -25.59 14.34
C ASN B 42 -26.82 -24.59 15.49
N ARG B 43 -27.07 -25.06 16.71
CA ARG B 43 -27.21 -24.17 17.85
C ARG B 43 -26.17 -24.51 18.93
N ASN B 44 -24.90 -24.50 18.54
CA ASN B 44 -23.83 -24.78 19.48
C ASN B 44 -23.61 -23.62 20.43
N CYS B 45 -23.19 -23.94 21.65
CA CYS B 45 -22.94 -22.90 22.65
C CYS B 45 -21.63 -22.18 22.40
N TYR B 46 -20.65 -22.90 21.84
CA TYR B 46 -19.38 -22.32 21.45
C TYR B 46 -18.56 -23.43 20.81
N TRP B 47 -17.25 -23.27 20.75
CA TRP B 47 -16.34 -24.29 20.24
C TRP B 47 -15.29 -24.61 21.30
N LEU B 48 -14.64 -25.76 21.14
CA LEU B 48 -13.40 -26.07 21.85
C LEU B 48 -12.34 -26.35 20.79
N TYR B 49 -11.07 -26.27 21.18
CA TYR B 49 -10.03 -26.12 20.18
C TYR B 49 -8.91 -27.15 20.36
N PHE B 50 -8.14 -27.29 19.27
CA PHE B 50 -7.08 -28.28 19.19
C PHE B 50 -6.08 -28.09 20.32
N ASP B 51 -5.67 -29.21 20.92
CA ASP B 51 -4.67 -29.26 21.99
C ASP B 51 -5.15 -28.69 23.32
N TYR B 52 -6.45 -28.38 23.45
CA TYR B 52 -7.01 -28.13 24.77
C TYR B 52 -7.11 -29.45 25.56
N TYR B 53 -7.12 -29.31 26.88
CA TYR B 53 -7.25 -30.44 27.79
C TYR B 53 -8.54 -30.32 28.58
N VAL B 54 -9.20 -31.47 28.79
CA VAL B 54 -10.49 -31.52 29.47
C VAL B 54 -10.53 -32.76 30.35
N HIS B 55 -11.45 -32.75 31.29
CA HIS B 55 -11.84 -33.95 31.99
C HIS B 55 -12.96 -34.62 31.21
N ILE B 56 -12.78 -35.90 30.89
CA ILE B 56 -13.83 -36.68 30.24
C ILE B 56 -14.72 -37.25 31.35
N LEU B 57 -16.00 -36.89 31.33
CA LEU B 57 -16.93 -37.46 32.30
C LEU B 57 -17.62 -38.72 31.81
N GLY B 58 -17.87 -38.86 30.52
CA GLY B 58 -18.64 -39.99 30.04
C GLY B 58 -19.12 -39.72 28.63
N TYR B 59 -20.00 -40.60 28.16
CA TYR B 59 -20.49 -40.53 26.81
C TYR B 59 -22.00 -40.69 26.79
N GLU B 60 -22.60 -40.23 25.70
CA GLU B 60 -24.04 -40.30 25.54
C GLU B 60 -24.42 -39.75 24.16
N ASN B 61 -25.09 -40.60 23.37
CA ASN B 61 -25.67 -40.22 22.07
C ASN B 61 -24.63 -39.73 21.08
N GLY B 62 -23.43 -40.28 21.13
CA GLY B 62 -22.36 -39.89 20.23
C GLY B 62 -21.50 -38.71 20.68
N PHE B 63 -21.75 -38.15 21.86
CA PHE B 63 -21.01 -37.00 22.35
C PHE B 63 -20.24 -37.35 23.62
N ALA B 64 -19.05 -36.77 23.76
CA ALA B 64 -18.30 -36.87 25.00
C ALA B 64 -18.72 -35.75 25.93
N HIS B 65 -18.99 -36.10 27.19
CA HIS B 65 -19.29 -35.12 28.23
C HIS B 65 -17.96 -34.68 28.84
N VAL B 66 -17.62 -33.42 28.64
CA VAL B 66 -16.32 -32.92 29.08
C VAL B 66 -16.51 -31.75 30.01
N ARG B 67 -15.47 -31.52 30.82
CA ARG B 67 -15.46 -30.48 31.84
C ARG B 67 -14.11 -29.78 31.83
N ILE B 68 -14.15 -28.46 31.89
CA ILE B 68 -12.98 -27.63 32.11
C ILE B 68 -13.30 -26.74 33.32
N GLY B 69 -12.66 -27.01 34.44
CA GLY B 69 -12.97 -26.26 35.65
C GLY B 69 -14.44 -26.39 36.00
N THR B 70 -15.12 -25.25 36.14
CA THR B 70 -16.53 -25.18 36.48
C THR B 70 -17.44 -25.28 35.26
N GLU B 71 -16.89 -25.57 34.09
CA GLU B 71 -17.65 -25.57 32.85
C GLU B 71 -17.81 -26.99 32.34
N ASP B 72 -19.01 -27.33 31.87
CA ASP B 72 -19.23 -28.63 31.26
C ASP B 72 -20.04 -28.45 29.99
N CYS B 73 -19.78 -29.32 29.01
CA CYS B 73 -20.43 -29.23 27.71
C CYS B 73 -20.22 -30.56 26.98
N TRP B 74 -20.73 -30.63 25.75
CA TRP B 74 -20.68 -31.84 24.94
C TRP B 74 -20.00 -31.54 23.60
N ILE B 75 -19.09 -32.43 23.18
CA ILE B 75 -18.41 -32.36 21.89
C ILE B 75 -18.41 -33.76 21.29
N SER B 76 -18.33 -33.83 19.96
CA SER B 76 -18.34 -35.12 19.27
C SER B 76 -17.24 -36.03 19.81
N LYS B 77 -17.57 -37.31 19.99
CA LYS B 77 -16.60 -38.26 20.52
C LYS B 77 -15.38 -38.42 19.61
N ASP B 78 -15.50 -38.04 18.32
CA ASP B 78 -14.37 -38.15 17.39
C ASP B 78 -13.37 -37.01 17.52
N SER B 79 -13.68 -35.94 18.25
CA SER B 79 -12.85 -34.75 18.30
C SER B 79 -11.77 -34.78 19.38
N LEU B 80 -11.80 -35.76 20.29
CA LEU B 80 -10.81 -35.83 21.35
C LEU B 80 -10.34 -37.27 21.52
N GLU B 81 -9.27 -37.42 22.28
CA GLU B 81 -8.73 -38.73 22.62
C GLU B 81 -8.43 -38.77 24.11
N GLU B 82 -8.73 -39.92 24.72
CA GLU B 82 -8.48 -40.16 26.13
C GLU B 82 -7.03 -40.55 26.36
N ILE B 83 -6.40 -39.94 27.37
CA ILE B 83 -4.97 -40.16 27.58
C ILE B 83 -4.68 -40.47 29.04
N THR B 84 -3.56 -41.16 29.26
CA THR B 84 -3.02 -41.41 30.58
C THR B 84 -1.58 -40.91 30.61
N ILE B 85 -1.08 -40.62 31.80
CA ILE B 85 0.22 -39.97 31.94
C ILE B 85 1.07 -40.76 32.93
N PRO B 86 2.15 -41.40 32.48
CA PRO B 86 3.01 -42.13 33.40
C PRO B 86 4.01 -41.22 34.10
N THR B 87 4.30 -41.57 35.34
CA THR B 87 5.18 -40.79 36.18
C THR B 87 5.65 -41.66 37.33
N LYS B 88 6.63 -41.16 38.08
CA LYS B 88 7.11 -41.83 39.28
C LYS B 88 6.69 -41.04 40.52
N SER B 89 6.56 -41.74 41.64
CA SER B 89 6.40 -41.06 42.91
C SER B 89 7.76 -40.58 43.39
N VAL B 90 7.76 -39.53 44.22
CA VAL B 90 8.99 -38.96 44.76
C VAL B 90 9.02 -39.01 46.28
N THR B 91 7.96 -39.49 46.92
CA THR B 91 7.82 -39.49 48.36
C THR B 91 6.78 -40.54 48.70
N GLU B 92 7.07 -41.35 49.73
CA GLU B 92 6.09 -42.33 50.20
C GLU B 92 4.71 -41.68 50.28
N ALA B 93 3.68 -42.44 49.91
CA ALA B 93 2.33 -41.90 49.98
C ALA B 93 1.33 -43.03 50.05
N ASN B 94 0.10 -42.67 50.45
CA ASN B 94 -1.03 -43.58 50.49
C ASN B 94 -1.99 -43.24 49.37
N ILE B 95 -2.47 -44.26 48.66
CA ILE B 95 -3.59 -44.13 47.74
C ILE B 95 -4.87 -44.19 48.58
N TYR B 96 -5.56 -43.06 48.70
CA TYR B 96 -6.82 -43.04 49.40
C TYR B 96 -7.98 -43.32 48.44
N SER B 97 -9.13 -43.68 49.02
CA SER B 97 -10.33 -43.99 48.26
C SER B 97 -11.05 -42.74 47.75
N GLU B 98 -10.80 -41.59 48.36
CA GLU B 98 -11.33 -40.33 47.87
C GLU B 98 -10.24 -39.29 48.06
N PRO B 99 -10.30 -38.17 47.35
CA PRO B 99 -9.27 -37.13 47.54
C PRO B 99 -9.31 -36.51 48.92
N SER B 100 -8.95 -37.30 49.94
CA SER B 100 -8.97 -36.81 51.31
C SER B 100 -8.03 -37.65 52.16
N ARG B 101 -7.19 -36.98 52.96
CA ARG B 101 -6.28 -37.65 53.87
C ARG B 101 -7.00 -38.25 55.09
N ALA B 102 -8.32 -38.09 55.19
CA ALA B 102 -9.11 -38.68 56.26
C ALA B 102 -9.92 -39.88 55.79
N GLU B 103 -9.71 -40.36 54.57
CA GLU B 103 -10.50 -41.42 54.00
C GLU B 103 -9.80 -42.76 54.12
N THR B 104 -10.51 -43.82 53.72
CA THR B 104 -9.95 -45.16 53.89
C THR B 104 -8.78 -45.34 52.95
N ILE B 105 -7.65 -45.76 53.51
CA ILE B 105 -6.46 -46.00 52.70
C ILE B 105 -6.71 -47.20 51.82
N ILE B 106 -6.25 -47.13 50.57
CA ILE B 106 -6.36 -48.21 49.63
C ILE B 106 -5.04 -48.94 49.46
N ARG B 107 -3.91 -48.23 49.57
CA ARG B 107 -2.61 -48.86 49.53
C ARG B 107 -1.55 -47.83 49.87
N TYR B 108 -0.45 -48.34 50.41
CA TYR B 108 0.76 -47.57 50.67
C TYR B 108 1.71 -47.78 49.49
N VAL B 109 2.20 -46.69 48.91
CA VAL B 109 3.08 -46.75 47.75
C VAL B 109 4.44 -46.15 48.13
N PRO B 110 5.54 -46.91 48.02
CA PRO B 110 6.85 -46.35 48.37
C PRO B 110 7.28 -45.26 47.41
N ALA B 111 8.32 -44.53 47.82
CA ALA B 111 8.88 -43.49 46.97
C ALA B 111 9.56 -44.13 45.75
N ASN B 112 9.55 -43.37 44.65
CA ASN B 112 10.09 -43.83 43.37
C ASN B 112 9.34 -45.04 42.84
N SER B 113 8.02 -45.05 43.01
CA SER B 113 7.20 -46.08 42.42
C SER B 113 6.64 -45.55 41.10
N ASP B 114 6.60 -46.43 40.11
CA ASP B 114 6.02 -46.08 38.82
C ASP B 114 4.49 -46.15 38.92
N VAL B 115 3.83 -45.07 38.53
CA VAL B 115 2.37 -44.99 38.60
C VAL B 115 1.85 -44.48 37.25
N THR B 116 0.53 -44.48 37.12
CA THR B 116 -0.16 -44.01 35.93
C THR B 116 -1.26 -43.05 36.35
N ILE B 117 -1.24 -41.85 35.78
CA ILE B 117 -2.23 -40.82 36.09
C ILE B 117 -3.46 -41.03 35.20
N LEU B 118 -4.63 -41.01 35.82
CA LEU B 118 -5.89 -41.15 35.13
C LEU B 118 -6.72 -39.88 35.15
N ASP B 119 -6.57 -39.06 36.18
CA ASP B 119 -7.27 -37.79 36.26
C ASP B 119 -6.43 -36.85 37.11
N PHE B 120 -6.64 -35.56 36.94
CA PHE B 120 -5.81 -34.53 37.55
C PHE B 120 -6.67 -33.45 38.17
N ASN B 121 -6.05 -32.70 39.08
CA ASN B 121 -6.69 -31.56 39.73
C ASN B 121 -7.90 -32.00 40.55
N CYS B 122 -7.78 -33.16 41.19
CA CYS B 122 -8.86 -33.75 41.99
C CYS B 122 -8.72 -33.28 43.45
N ASP B 123 -9.03 -32.01 43.65
CA ASP B 123 -8.99 -31.39 44.98
C ASP B 123 -7.67 -31.65 45.68
N GLY B 124 -6.58 -31.49 44.95
CA GLY B 124 -5.25 -31.64 45.50
C GLY B 124 -4.64 -33.01 45.32
N PHE B 125 -5.34 -33.91 44.63
CA PHE B 125 -4.86 -35.26 44.36
C PHE B 125 -4.94 -35.55 42.88
N TYR B 126 -4.05 -36.41 42.42
CA TYR B 126 -4.23 -37.12 41.17
C TYR B 126 -5.02 -38.39 41.44
N ARG B 127 -5.74 -38.87 40.44
CA ARG B 127 -6.31 -40.19 40.49
C ARG B 127 -5.44 -41.09 39.63
N ILE B 128 -4.89 -42.14 40.24
CA ILE B 128 -3.85 -42.95 39.62
C ILE B 128 -4.24 -44.42 39.64
N ASN B 129 -3.42 -45.20 38.95
CA ASN B 129 -3.49 -46.65 38.97
C ASN B 129 -2.09 -47.13 39.32
N TYR B 130 -1.94 -47.74 40.50
CA TYR B 130 -0.67 -48.29 40.97
C TYR B 130 -0.78 -49.81 41.03
N ARG B 131 -0.20 -50.48 40.03
CA ARG B 131 -0.13 -51.95 40.02
C ARG B 131 -1.50 -52.57 40.29
N GLY B 132 -2.55 -51.99 39.69
CA GLY B 132 -3.89 -52.50 39.80
C GLY B 132 -4.77 -51.79 40.81
N TYR B 133 -4.17 -51.14 41.81
CA TYR B 133 -4.95 -50.40 42.80
C TYR B 133 -5.31 -49.01 42.29
N ILE B 134 -6.54 -48.59 42.56
CA ILE B 134 -7.10 -47.36 42.01
C ILE B 134 -7.45 -46.44 43.17
N GLY B 135 -7.09 -45.16 43.07
CA GLY B 135 -7.42 -44.22 44.10
C GLY B 135 -6.67 -42.90 43.91
N TYR B 136 -6.74 -42.07 44.94
CA TYR B 136 -6.24 -40.69 44.89
C TYR B 136 -4.97 -40.54 45.70
N ILE B 137 -4.00 -39.85 45.13
CA ILE B 137 -2.69 -39.63 45.74
C ILE B 137 -2.38 -38.14 45.68
N LEU B 138 -1.75 -37.63 46.74
CA LEU B 138 -1.43 -36.21 46.83
C LEU B 138 -0.58 -35.77 45.63
N GLU B 139 -0.87 -34.57 45.13
CA GLU B 139 -0.19 -34.07 43.94
C GLU B 139 1.33 -34.03 44.13
N ASP B 140 1.79 -33.39 45.21
CA ASP B 140 3.21 -33.18 45.41
C ASP B 140 3.98 -34.47 45.67
N ALA B 141 3.28 -35.60 45.72
CA ALA B 141 3.94 -36.90 45.88
C ALA B 141 4.45 -37.47 44.58
N LEU B 142 3.97 -36.96 43.45
CA LEU B 142 4.30 -37.49 42.13
C LEU B 142 5.24 -36.55 41.40
N GLN B 143 6.04 -37.14 40.51
CA GLN B 143 6.94 -36.34 39.70
C GLN B 143 6.19 -35.37 38.80
N TYR B 144 5.24 -35.88 38.01
CA TYR B 144 4.57 -35.06 37.01
C TYR B 144 3.81 -33.90 37.66
N LYS B 145 3.95 -32.72 37.09
CA LYS B 145 3.23 -31.52 37.56
C LYS B 145 2.35 -31.02 36.41
N TRP B 146 1.03 -31.16 36.58
CA TRP B 146 0.10 -30.96 35.47
C TRP B 146 -0.07 -29.50 35.06
N LYS B 147 0.34 -28.54 35.89
CA LYS B 147 0.25 -27.14 35.50
C LYS B 147 1.46 -26.67 34.69
N GLN B 148 2.54 -27.44 34.66
CA GLN B 148 3.68 -27.25 33.75
C GLN B 148 4.62 -26.15 34.21
N VAL B 149 4.09 -25.03 34.68
CA VAL B 149 4.89 -23.86 35.03
C VAL B 149 4.86 -23.67 36.54
N ASP B 150 5.73 -22.80 37.04
CA ASP B 150 5.78 -22.43 38.44
C ASP B 150 5.07 -21.08 38.63
N GLY B 151 4.95 -20.69 39.89
CA GLY B 151 4.27 -19.47 40.28
C GLY B 151 3.66 -19.63 41.65
N ALA B 152 3.46 -18.50 42.33
CA ALA B 152 2.91 -18.54 43.70
C ALA B 152 1.42 -18.79 43.70
N ASN B 153 0.73 -18.41 42.61
CA ASN B 153 -0.69 -18.65 42.42
C ASN B 153 -0.93 -18.87 40.93
N ASP B 154 -2.16 -19.25 40.59
CA ASP B 154 -2.50 -19.57 39.21
C ASP B 154 -2.35 -18.37 38.28
N GLY B 155 -2.49 -17.14 38.80
CA GLY B 155 -2.28 -15.97 37.97
C GLY B 155 -0.86 -15.86 37.47
N GLU B 156 0.11 -15.99 38.38
CA GLU B 156 1.52 -15.95 37.97
C GLU B 156 1.83 -17.09 37.01
N ARG B 157 1.20 -18.25 37.24
CA ARG B 157 1.37 -19.37 36.32
C ARG B 157 0.80 -19.03 34.95
N ALA B 158 -0.41 -18.45 34.91
CA ALA B 158 -0.96 -18.02 33.63
C ALA B 158 -0.02 -17.06 32.93
N ALA B 159 0.57 -16.13 33.70
CA ALA B 159 1.55 -15.19 33.15
C ALA B 159 2.77 -15.92 32.62
N ASN B 160 3.26 -16.93 33.34
CA ASN B 160 4.40 -17.69 32.86
C ASN B 160 4.02 -18.54 31.64
N LEU B 161 2.77 -19.00 31.56
CA LEU B 161 2.38 -19.78 30.40
C LEU B 161 2.39 -18.92 29.14
N VAL B 162 1.85 -17.70 29.19
CA VAL B 162 1.86 -16.89 27.97
C VAL B 162 3.29 -16.47 27.61
N LYS B 163 4.18 -16.29 28.60
CA LYS B 163 5.58 -15.98 28.28
C LYS B 163 6.21 -17.06 27.42
N THR B 164 5.86 -18.33 27.64
CA THR B 164 6.40 -19.40 26.81
C THR B 164 6.00 -19.27 25.34
N LYS B 165 4.99 -18.47 25.02
CA LYS B 165 4.56 -18.31 23.64
C LYS B 165 5.07 -17.01 23.01
N LEU B 166 5.88 -16.23 23.72
CA LEU B 166 6.46 -15.03 23.11
C LEU B 166 7.12 -15.37 21.78
N GLY B 167 6.85 -14.56 20.77
CA GLY B 167 7.37 -14.79 19.45
C GLY B 167 6.44 -15.60 18.57
N CYS B 168 5.48 -16.31 19.15
CA CYS B 168 4.51 -17.03 18.33
C CYS B 168 3.74 -16.05 17.44
N LYS B 169 3.30 -16.58 16.30
CA LYS B 169 2.74 -15.75 15.25
C LYS B 169 1.26 -15.48 15.50
N TYR B 170 0.83 -14.26 15.17
CA TYR B 170 -0.57 -13.87 15.26
C TYR B 170 -1.35 -14.43 14.07
N VAL B 171 -2.36 -15.23 14.35
CA VAL B 171 -3.30 -15.71 13.34
C VAL B 171 -4.68 -15.67 13.95
N TRP B 172 -5.61 -15.02 13.25
CA TRP B 172 -6.97 -14.86 13.74
C TRP B 172 -7.61 -16.21 14.05
N ALA B 173 -8.35 -16.25 15.14
CA ALA B 173 -9.18 -17.40 15.49
C ALA B 173 -8.36 -18.62 15.89
N MET B 174 -7.10 -18.43 16.30
CA MET B 174 -6.24 -19.54 16.71
C MET B 174 -5.98 -19.50 18.21
N SER B 175 -5.75 -20.67 18.78
CA SER B 175 -5.51 -20.80 20.21
C SER B 175 -4.47 -21.87 20.51
N GLY B 176 -3.48 -21.99 19.64
CA GLY B 176 -2.34 -22.85 19.90
C GLY B 176 -2.29 -24.16 19.14
N PRO B 177 -1.16 -24.87 19.26
CA PRO B 177 -0.05 -24.48 20.14
C PRO B 177 0.91 -23.40 19.61
N ASP B 178 0.93 -23.09 18.30
CA ASP B 178 1.97 -22.22 17.74
C ASP B 178 1.46 -20.87 17.24
N THR B 179 0.17 -20.71 16.98
CA THR B 179 -0.37 -19.44 16.51
C THR B 179 -1.55 -19.04 17.39
N PHE B 180 -1.77 -17.73 17.49
CA PHE B 180 -2.75 -17.18 18.41
C PHE B 180 -3.30 -15.86 17.87
N ASP B 181 -4.51 -15.53 18.32
CA ASP B 181 -4.98 -14.15 18.36
C ASP B 181 -5.15 -13.77 19.83
N CYS B 182 -5.53 -12.52 20.07
CA CYS B 182 -5.49 -12.00 21.44
C CYS B 182 -6.30 -12.86 22.39
N SER B 183 -7.55 -13.15 22.05
CA SER B 183 -8.42 -13.87 22.98
C SER B 183 -8.08 -15.34 23.04
N GLY B 184 -7.61 -15.92 21.93
CA GLY B 184 -7.20 -17.31 21.95
C GLY B 184 -6.04 -17.54 22.90
N LEU B 185 -5.08 -16.61 22.92
CA LEU B 185 -3.97 -16.73 23.85
C LEU B 185 -4.46 -16.82 25.29
N MET B 186 -5.45 -15.98 25.65
CA MET B 186 -5.96 -15.99 27.03
C MET B 186 -6.67 -17.29 27.34
N GLN B 187 -7.56 -17.73 26.45
CA GLN B 187 -8.32 -18.94 26.75
C GLN B 187 -7.42 -20.17 26.77
N TRP B 188 -6.44 -20.22 25.87
CA TRP B 188 -5.48 -21.32 25.87
C TRP B 188 -4.76 -21.42 27.21
N ALA B 189 -4.28 -20.28 27.71
CA ALA B 189 -3.46 -20.31 28.92
C ALA B 189 -4.27 -20.79 30.11
N TYR B 190 -5.49 -20.29 30.27
CA TYR B 190 -6.26 -20.74 31.43
C TYR B 190 -6.79 -22.15 31.26
N ASN B 191 -6.94 -22.66 30.04
CA ASN B 191 -7.26 -24.07 29.85
C ASN B 191 -6.11 -24.95 30.35
N ARG B 192 -4.86 -24.52 30.14
CA ARG B 192 -3.73 -25.26 30.69
C ARG B 192 -3.77 -25.32 32.20
N LEU B 193 -4.49 -24.39 32.83
CA LEU B 193 -4.66 -24.39 34.28
C LEU B 193 -6.04 -24.93 34.69
N ASP B 194 -6.73 -25.62 33.79
CA ASP B 194 -8.04 -26.22 34.05
C ASP B 194 -9.05 -25.17 34.51
N ILE B 195 -8.91 -23.94 34.00
CA ILE B 195 -9.88 -22.88 34.28
C ILE B 195 -10.50 -22.47 32.95
N PHE B 196 -11.83 -22.38 32.92
CA PHE B 196 -12.54 -22.04 31.70
C PHE B 196 -12.84 -20.55 31.61
N MET B 197 -12.58 -19.99 30.43
CA MET B 197 -13.10 -18.68 30.05
C MET B 197 -13.58 -18.78 28.61
N HIS B 198 -14.53 -17.91 28.26
CA HIS B 198 -15.08 -17.93 26.92
C HIS B 198 -14.03 -17.44 25.91
N ARG B 199 -14.42 -17.46 24.63
CA ARG B 199 -13.46 -17.35 23.54
C ARG B 199 -13.24 -15.93 23.04
N THR B 200 -14.25 -15.08 23.10
CA THR B 200 -14.19 -13.75 22.51
C THR B 200 -13.78 -12.72 23.55
N ALA B 201 -13.07 -11.69 23.09
CA ALA B 201 -12.49 -10.70 24.00
C ALA B 201 -13.56 -10.00 24.83
N ASP B 202 -14.70 -9.69 24.23
CA ASP B 202 -15.70 -8.93 24.97
C ASP B 202 -16.38 -9.79 26.03
N VAL B 203 -16.59 -11.09 25.77
CA VAL B 203 -17.17 -11.91 26.83
C VAL B 203 -16.14 -12.14 27.92
N GLN B 204 -14.89 -12.36 27.55
CA GLN B 204 -13.85 -12.51 28.55
C GLN B 204 -13.86 -11.33 29.52
N GLY B 205 -14.15 -10.13 29.02
CA GLY B 205 -14.14 -8.93 29.84
C GLY B 205 -15.35 -8.73 30.73
N ASN B 206 -16.33 -9.63 30.67
CA ASN B 206 -17.55 -9.54 31.47
C ASN B 206 -17.68 -10.66 32.49
N HIS B 207 -16.62 -11.43 32.74
CA HIS B 207 -16.69 -12.52 33.70
C HIS B 207 -15.36 -12.59 34.42
N GLY B 208 -15.31 -13.42 35.44
CA GLY B 208 -14.22 -13.36 36.38
C GLY B 208 -14.43 -12.25 37.40
N GLN B 209 -13.49 -12.17 38.34
CA GLN B 209 -13.55 -11.14 39.38
C GLN B 209 -13.15 -9.80 38.80
N LEU B 210 -14.03 -8.81 38.93
CA LEU B 210 -13.75 -7.48 38.42
C LEU B 210 -12.75 -6.76 39.32
N ILE B 211 -11.68 -6.23 38.72
CA ILE B 211 -10.69 -5.44 39.44
C ILE B 211 -10.91 -3.99 39.01
N GLU B 212 -11.52 -3.19 39.89
CA GLU B 212 -12.00 -1.87 39.52
C GLU B 212 -10.88 -0.83 39.44
N ASP B 213 -9.78 -1.04 40.16
CA ASP B 213 -8.68 -0.10 40.25
C ASP B 213 -7.44 -0.76 39.67
N ALA B 214 -6.93 -0.20 38.56
CA ALA B 214 -5.74 -0.77 37.93
C ALA B 214 -4.56 -0.88 38.88
N LYS B 215 -4.50 -0.08 39.93
CA LYS B 215 -3.39 -0.17 40.87
C LYS B 215 -3.33 -1.54 41.55
N ASP B 216 -4.45 -2.27 41.60
CA ASP B 216 -4.49 -3.59 42.22
C ASP B 216 -4.29 -4.72 41.23
N ILE B 217 -3.82 -4.43 40.01
CA ILE B 217 -3.66 -5.50 39.03
C ILE B 217 -2.51 -6.40 39.45
N LEU B 218 -2.61 -7.68 39.08
CA LEU B 218 -1.62 -8.70 39.40
C LEU B 218 -1.41 -9.59 38.19
N PRO B 219 -0.30 -10.31 38.14
CA PRO B 219 -0.06 -11.21 37.01
C PRO B 219 -1.23 -12.16 36.84
N GLY B 220 -1.57 -12.42 35.58
CA GLY B 220 -2.66 -13.31 35.22
C GLY B 220 -3.98 -12.63 34.99
N ASP B 221 -4.18 -11.45 35.57
CA ASP B 221 -5.38 -10.70 35.27
C ASP B 221 -5.38 -10.41 33.79
N ILE B 222 -6.55 -10.48 33.17
CA ILE B 222 -6.66 -10.13 31.76
C ILE B 222 -7.22 -8.71 31.64
N ILE B 223 -6.82 -8.02 30.59
CA ILE B 223 -7.19 -6.62 30.38
C ILE B 223 -7.83 -6.53 29.02
N THR B 224 -9.06 -6.02 28.96
CA THR B 224 -9.68 -5.71 27.69
C THR B 224 -9.52 -4.22 27.39
N PHE B 225 -9.46 -3.89 26.10
CA PHE B 225 -9.18 -2.54 25.64
C PHE B 225 -10.17 -2.14 24.55
N HIS B 226 -10.46 -0.85 24.47
CA HIS B 226 -11.20 -0.28 23.35
C HIS B 226 -10.17 0.19 22.31
N THR B 227 -10.08 -0.55 21.19
CA THR B 227 -9.09 -0.24 20.17
C THR B 227 -9.70 0.39 18.92
N ASP B 228 -11.00 0.62 18.88
CA ASP B 228 -11.62 1.28 17.73
C ASP B 228 -12.07 2.65 18.20
N SER B 229 -11.33 3.69 17.80
CA SER B 229 -11.64 5.03 18.31
C SER B 229 -13.02 5.50 17.86
N GLU B 230 -13.47 5.05 16.70
CA GLU B 230 -14.78 5.45 16.17
C GLU B 230 -15.89 4.51 16.61
N LYS B 231 -15.59 3.54 17.47
CA LYS B 231 -16.59 2.71 18.15
C LYS B 231 -16.11 2.50 19.58
N PRO B 232 -16.16 3.54 20.40
CA PRO B 232 -15.42 3.51 21.68
C PRO B 232 -15.99 2.56 22.73
N THR B 233 -17.21 2.09 22.59
CA THR B 233 -17.71 1.12 23.56
C THR B 233 -17.38 -0.30 23.18
N ALA B 234 -16.84 -0.53 21.98
CA ALA B 234 -16.62 -1.87 21.48
C ALA B 234 -15.37 -2.47 22.08
N VAL B 235 -15.43 -3.79 22.34
CA VAL B 235 -14.35 -4.55 22.93
C VAL B 235 -13.98 -5.65 21.94
N THR B 236 -12.83 -5.49 21.30
CA THR B 236 -12.32 -6.49 20.37
C THR B 236 -10.95 -7.01 20.74
N HIS B 237 -10.33 -6.50 21.81
CA HIS B 237 -8.94 -6.90 22.01
C HIS B 237 -8.60 -7.04 23.49
N VAL B 238 -7.64 -7.92 23.78
CA VAL B 238 -7.36 -8.34 25.15
C VAL B 238 -5.89 -8.77 25.32
N GLY B 239 -5.38 -8.56 26.54
CA GLY B 239 -4.06 -9.02 26.93
C GLY B 239 -4.03 -9.39 28.40
N MET B 240 -2.88 -9.91 28.85
CA MET B 240 -2.69 -10.40 30.21
C MET B 240 -1.52 -9.69 30.87
N TYR B 241 -1.78 -9.08 32.03
CA TYR B 241 -0.73 -8.49 32.84
C TYR B 241 0.23 -9.56 33.33
N VAL B 242 1.53 -9.27 33.27
CA VAL B 242 2.55 -10.25 33.65
C VAL B 242 3.55 -9.67 34.63
N GLY B 243 3.20 -8.56 35.26
CA GLY B 243 4.07 -7.97 36.26
C GLY B 243 5.02 -6.94 35.69
N ASN B 244 5.59 -6.16 36.60
CA ASN B 244 6.60 -5.17 36.27
C ASN B 244 6.06 -4.16 35.26
N GLY B 245 4.76 -3.85 35.36
CA GLY B 245 4.13 -2.88 34.48
C GLY B 245 3.97 -3.29 33.04
N GLN B 246 4.21 -4.56 32.70
CA GLN B 246 4.07 -5.07 31.35
C GLN B 246 2.83 -5.94 31.24
N PHE B 247 2.24 -6.00 30.07
CA PHE B 247 1.31 -7.07 29.74
C PHE B 247 1.75 -7.73 28.45
N ILE B 248 1.17 -8.89 28.18
CA ILE B 248 1.44 -9.64 26.96
C ILE B 248 0.15 -9.81 26.20
N HIS B 249 0.25 -9.66 24.88
CA HIS B 249 -0.90 -9.86 24.01
C HIS B 249 -0.43 -10.37 22.66
N ALA B 250 -1.30 -11.14 22.02
CA ALA B 250 -1.17 -11.45 20.60
C ALA B 250 -1.64 -10.21 19.85
N SER B 251 -0.74 -9.54 19.15
CA SER B 251 -0.97 -8.21 18.60
C SER B 251 -0.66 -8.13 17.11
N THR B 252 -1.40 -7.28 16.40
CA THR B 252 -1.09 -6.99 15.01
C THR B 252 0.07 -6.02 14.88
N ASN B 253 0.51 -5.38 15.97
CA ASN B 253 1.68 -4.52 15.93
C ASN B 253 2.91 -5.42 16.07
N GLY B 254 3.25 -6.05 14.95
CA GLY B 254 4.30 -7.07 14.88
C GLY B 254 3.81 -8.45 14.52
N TYR B 255 2.50 -8.72 14.69
CA TYR B 255 1.91 -10.01 14.36
C TYR B 255 2.60 -11.14 15.11
N VAL B 256 2.95 -10.87 16.37
CA VAL B 256 3.54 -11.84 17.27
C VAL B 256 2.90 -11.67 18.65
N VAL B 257 3.13 -12.66 19.50
CA VAL B 257 2.89 -12.51 20.93
C VAL B 257 4.08 -11.75 21.51
N ARG B 258 3.79 -10.67 22.24
CA ARG B 258 4.83 -9.72 22.61
C ARG B 258 4.50 -9.05 23.93
N TYR B 259 5.55 -8.51 24.56
CA TYR B 259 5.40 -7.60 25.69
C TYR B 259 4.83 -6.27 25.20
N GLN B 260 4.19 -5.55 26.13
CA GLN B 260 3.61 -4.24 25.86
C GLN B 260 3.59 -3.45 27.16
N ASP B 261 4.05 -2.19 27.12
CA ASP B 261 4.08 -1.37 28.32
C ASP B 261 2.66 -0.91 28.65
N PHE B 262 2.18 -1.29 29.84
CA PHE B 262 0.79 -1.06 30.20
C PHE B 262 0.46 0.42 30.33
N ASN B 263 1.31 1.19 31.01
CA ASN B 263 0.94 2.57 31.32
C ASN B 263 0.96 3.47 30.10
N SER B 264 1.84 3.19 29.14
CA SER B 264 1.90 3.99 27.92
C SER B 264 1.03 3.43 26.80
N TYR B 265 0.28 2.35 27.04
CA TYR B 265 -0.54 1.75 26.00
C TYR B 265 -1.61 2.75 25.59
N PRO B 266 -1.69 3.13 24.31
CA PRO B 266 -2.50 4.29 23.95
C PRO B 266 -3.98 4.01 23.73
N TYR B 267 -4.51 2.93 24.31
CA TYR B 267 -5.92 2.61 24.17
C TYR B 267 -6.54 2.44 25.55
N PRO B 268 -7.71 3.02 25.82
CA PRO B 268 -8.28 2.95 27.17
C PRO B 268 -8.65 1.53 27.55
N VAL B 269 -8.52 1.25 28.84
CA VAL B 269 -8.96 -0.01 29.39
C VAL B 269 -10.49 -0.05 29.43
N SER B 270 -11.05 -1.22 29.14
CA SER B 270 -12.47 -1.46 29.37
C SER B 270 -12.69 -2.12 30.73
N SER B 271 -12.03 -3.25 30.98
CA SER B 271 -12.15 -3.94 32.25
C SER B 271 -10.88 -4.72 32.54
N ILE B 272 -10.65 -4.97 33.83
CA ILE B 272 -9.62 -5.87 34.31
C ILE B 272 -10.35 -7.02 34.99
N ARG B 273 -10.06 -8.24 34.56
CA ARG B 273 -10.76 -9.42 35.08
C ARG B 273 -9.76 -10.43 35.62
N ARG B 274 -10.11 -11.00 36.75
CA ARG B 274 -9.29 -11.98 37.44
C ARG B 274 -10.03 -13.31 37.43
N TYR B 275 -9.53 -14.26 36.65
CA TYR B 275 -10.09 -15.59 36.53
C TYR B 275 -9.42 -16.60 37.45
N TRP B 276 -8.29 -16.25 38.05
CA TRP B 276 -7.64 -17.15 39.00
C TRP B 276 -8.11 -16.84 40.41
N THR B 277 -8.08 -17.86 41.28
CA THR B 277 -8.59 -17.74 42.64
C THR B 277 -7.60 -18.15 43.72
N LYS B 278 -6.46 -18.74 43.36
CA LYS B 278 -5.52 -19.24 44.35
C LYS B 278 -4.20 -19.59 43.67
N SER C 14 39.08 12.68 23.17
CA SER C 14 39.02 14.11 22.88
C SER C 14 38.08 14.39 21.67
N TYR C 15 36.92 15.01 21.95
CA TYR C 15 35.87 15.22 20.94
C TYR C 15 36.20 16.43 20.05
N GLN C 16 36.05 16.26 18.75
CA GLN C 16 36.26 17.36 17.82
C GLN C 16 35.26 18.47 18.07
N THR C 17 35.76 19.71 18.12
CA THR C 17 34.90 20.86 18.32
C THR C 17 34.20 21.21 17.02
N GLN C 18 32.89 21.31 17.06
CA GLN C 18 32.07 21.54 15.87
C GLN C 18 31.01 22.59 16.20
N THR C 19 30.51 23.25 15.16
CA THR C 19 29.38 24.17 15.28
C THR C 19 28.23 23.65 14.42
N ILE C 20 27.15 24.44 14.37
CA ILE C 20 25.90 24.02 13.75
C ILE C 20 25.70 24.77 12.44
N GLY C 21 25.43 24.01 11.38
CA GLY C 21 25.14 24.57 10.07
C GLY C 21 23.71 24.27 9.67
N ARG C 22 23.05 25.29 9.10
CA ARG C 22 21.74 25.17 8.49
C ARG C 22 21.84 25.63 7.04
N LEU C 23 21.53 24.74 6.09
CA LEU C 23 21.70 25.08 4.69
C LEU C 23 20.68 26.11 4.25
N THR C 24 21.16 27.09 3.47
CA THR C 24 20.31 28.14 2.92
C THR C 24 20.24 28.16 1.41
N THR C 25 21.19 27.52 0.71
CA THR C 25 21.22 27.44 -0.75
C THR C 25 20.58 28.67 -1.38
N PRO C 26 21.12 29.86 -1.15
CA PRO C 26 20.38 31.10 -1.46
C PRO C 26 19.90 31.18 -2.91
N GLY C 27 18.61 31.50 -3.07
CA GLY C 27 18.03 31.67 -4.38
C GLY C 27 17.74 30.39 -5.13
N THR C 28 17.93 29.24 -4.49
CA THR C 28 17.68 27.96 -5.13
C THR C 28 17.43 26.96 -4.00
N ASN C 29 17.62 25.67 -4.27
CA ASN C 29 17.32 24.65 -3.27
C ASN C 29 18.45 23.67 -3.02
N LEU C 30 19.58 23.80 -3.68
CA LEU C 30 20.63 22.80 -3.61
C LEU C 30 22.00 23.46 -3.75
N VAL C 31 23.02 22.72 -3.31
CA VAL C 31 24.39 23.13 -3.50
C VAL C 31 25.23 21.88 -3.72
N LYS C 32 26.16 21.97 -4.69
CA LYS C 32 27.03 20.86 -5.03
C LYS C 32 27.95 20.53 -3.86
N ALA C 33 28.27 19.24 -3.74
CA ALA C 33 29.17 18.73 -2.69
C ALA C 33 30.38 18.05 -3.30
N TYR C 34 31.52 18.18 -2.64
CA TYR C 34 32.75 17.56 -3.08
C TYR C 34 33.42 16.90 -1.88
N LYS C 35 34.32 15.95 -2.17
CA LYS C 35 35.03 15.18 -1.16
C LYS C 35 36.39 15.78 -0.79
N THR C 36 36.79 16.91 -1.39
CA THR C 36 37.97 17.65 -0.98
C THR C 36 37.67 19.15 -1.07
N SER C 37 38.52 19.94 -0.43
CA SER C 37 38.30 21.38 -0.39
C SER C 37 38.83 22.11 -1.61
N ASN C 38 39.57 21.45 -2.51
CA ASN C 38 40.03 22.06 -3.75
C ASN C 38 39.74 21.09 -4.88
N PRO C 39 38.45 20.94 -5.26
CA PRO C 39 38.06 19.90 -6.22
C PRO C 39 37.89 20.40 -7.64
N ASP C 40 37.74 19.44 -8.56
CA ASP C 40 37.22 19.70 -9.89
C ASP C 40 35.73 19.99 -9.78
N LEU C 41 35.36 21.25 -10.01
CA LEU C 41 34.03 21.72 -9.64
C LEU C 41 32.89 21.00 -10.38
N ASN C 42 33.15 20.42 -11.54
CA ASN C 42 32.10 19.65 -12.21
C ASN C 42 32.09 18.19 -11.79
N ARG C 43 32.92 17.80 -10.82
CA ARG C 43 32.90 16.43 -10.31
C ARG C 43 32.45 16.39 -8.85
N ASN C 44 31.25 16.90 -8.58
CA ASN C 44 30.67 16.81 -7.26
C ASN C 44 30.26 15.37 -6.96
N CYS C 45 30.39 14.97 -5.69
CA CYS C 45 29.99 13.62 -5.31
C CYS C 45 28.48 13.49 -5.20
N TYR C 46 27.80 14.59 -4.85
CA TYR C 46 26.34 14.66 -4.79
C TYR C 46 25.98 16.10 -4.45
N TRP C 47 24.76 16.33 -3.97
CA TRP C 47 24.31 17.64 -3.51
C TRP C 47 23.81 17.55 -2.08
N LEU C 48 23.73 18.72 -1.43
CA LEU C 48 22.98 18.92 -0.21
C LEU C 48 21.95 20.01 -0.48
N TYR C 49 20.93 20.08 0.37
CA TYR C 49 19.70 20.78 0.02
C TYR C 49 19.28 21.77 1.09
N PHE C 50 18.37 22.65 0.69
CA PHE C 50 17.90 23.74 1.55
C PHE C 50 17.29 23.19 2.83
N ASP C 51 17.60 23.87 3.95
CA ASP C 51 17.10 23.59 5.29
C ASP C 51 17.64 22.30 5.89
N TYR C 52 18.60 21.64 5.23
CA TYR C 52 19.31 20.56 5.89
C TYR C 52 20.21 21.11 7.00
N TYR C 53 20.46 20.28 7.99
CA TYR C 53 21.26 20.61 9.16
C TYR C 53 22.54 19.79 9.13
N VAL C 54 23.65 20.40 9.53
CA VAL C 54 24.95 19.74 9.50
C VAL C 54 25.76 20.19 10.70
N HIS C 55 26.81 19.43 10.98
CA HIS C 55 27.88 19.87 11.85
C HIS C 55 28.93 20.56 10.98
N ILE C 56 29.33 21.78 11.35
CA ILE C 56 30.41 22.47 10.68
C ILE C 56 31.73 22.06 11.33
N LEU C 57 32.61 21.46 10.53
CA LEU C 57 33.90 21.01 11.00
C LEU C 57 34.97 22.09 10.87
N GLY C 58 34.86 22.96 9.87
CA GLY C 58 35.87 23.95 9.60
C GLY C 58 35.66 24.57 8.23
N TYR C 59 36.60 25.46 7.88
CA TYR C 59 36.56 26.18 6.61
C TYR C 59 37.91 26.11 5.92
N GLU C 60 37.88 26.24 4.58
CA GLU C 60 39.08 26.11 3.77
C GLU C 60 38.75 26.34 2.29
N ASN C 61 39.45 27.29 1.66
CA ASN C 61 39.34 27.55 0.23
C ASN C 61 37.95 28.00 -0.19
N GLY C 62 37.23 28.71 0.68
CA GLY C 62 35.89 29.17 0.36
C GLY C 62 34.79 28.16 0.62
N PHE C 63 35.13 26.94 1.00
CA PHE C 63 34.15 25.90 1.30
C PHE C 63 33.99 25.74 2.81
N ALA C 64 32.99 24.96 3.20
CA ALA C 64 32.79 24.55 4.57
C ALA C 64 32.86 23.03 4.62
N HIS C 65 33.62 22.50 5.56
CA HIS C 65 33.68 21.07 5.81
C HIS C 65 32.54 20.72 6.77
N VAL C 66 31.56 19.95 6.29
CA VAL C 66 30.34 19.67 7.04
C VAL C 66 30.20 18.16 7.27
N ARG C 67 29.41 17.81 8.28
CA ARG C 67 29.25 16.40 8.66
C ARG C 67 27.79 16.10 8.94
N ILE C 68 27.32 15.00 8.37
CA ILE C 68 26.00 14.47 8.67
C ILE C 68 26.20 13.03 9.12
N GLY C 69 26.11 12.80 10.43
CA GLY C 69 26.35 11.46 10.93
C GLY C 69 27.76 11.01 10.60
N THR C 70 27.86 9.88 9.88
CA THR C 70 29.15 9.32 9.50
C THR C 70 29.67 9.86 8.19
N GLU C 71 29.00 10.86 7.62
CA GLU C 71 29.30 11.38 6.31
C GLU C 71 29.90 12.77 6.45
N ASP C 72 30.94 13.05 5.67
CA ASP C 72 31.52 14.37 5.60
C ASP C 72 31.76 14.75 4.15
N CYS C 73 31.64 16.04 3.87
CA CYS C 73 31.79 16.53 2.52
C CYS C 73 32.06 18.04 2.61
N TRP C 74 32.23 18.68 1.45
CA TRP C 74 32.55 20.10 1.36
C TRP C 74 31.50 20.81 0.52
N ILE C 75 31.01 21.95 1.02
CA ILE C 75 30.06 22.77 0.29
C ILE C 75 30.47 24.24 0.41
N SER C 76 30.07 25.03 -0.59
CA SER C 76 30.38 26.44 -0.62
C SER C 76 29.91 27.13 0.65
N LYS C 77 30.77 27.98 1.20
CA LYS C 77 30.45 28.67 2.44
C LYS C 77 29.25 29.59 2.29
N ASP C 78 28.90 29.95 1.06
CA ASP C 78 27.75 30.83 0.83
C ASP C 78 26.44 30.11 0.96
N SER C 79 26.45 28.78 0.92
CA SER C 79 25.24 27.98 0.87
C SER C 79 24.68 27.62 2.25
N LEU C 80 25.42 27.86 3.33
CA LEU C 80 24.95 27.54 4.67
C LEU C 80 25.25 28.70 5.60
N GLU C 81 24.61 28.67 6.77
CA GLU C 81 24.79 29.69 7.80
C GLU C 81 25.02 28.99 9.12
N GLU C 82 25.93 29.54 9.92
CA GLU C 82 26.21 28.99 11.25
C GLU C 82 25.21 29.54 12.26
N ILE C 83 24.67 28.66 13.09
CA ILE C 83 23.59 29.05 14.00
C ILE C 83 23.83 28.48 15.40
N THR C 84 23.22 29.16 16.37
CA THR C 84 23.23 28.72 17.75
C THR C 84 21.79 28.66 18.23
N ILE C 85 21.57 27.89 19.31
CA ILE C 85 20.22 27.61 19.74
C ILE C 85 20.07 27.99 21.21
N PRO C 86 19.28 29.00 21.54
CA PRO C 86 19.12 29.36 22.95
C PRO C 86 18.07 28.48 23.64
N THR C 87 18.33 28.18 24.90
CA THR C 87 17.47 27.31 25.68
C THR C 87 17.79 27.51 27.15
N LYS C 88 16.97 26.91 28.00
CA LYS C 88 17.20 26.87 29.44
C LYS C 88 17.52 25.44 29.88
N SER C 89 18.24 25.32 30.98
CA SER C 89 18.37 24.02 31.61
C SER C 89 17.12 23.74 32.44
N VAL C 90 16.84 22.46 32.67
CA VAL C 90 15.71 22.05 33.49
C VAL C 90 16.19 21.29 34.73
N THR C 91 17.49 21.07 34.87
CA THR C 91 18.04 20.29 35.96
C THR C 91 19.49 20.72 36.16
N GLU C 92 19.88 21.00 37.40
CA GLU C 92 21.26 21.29 37.72
C GLU C 92 22.17 20.26 37.06
N ALA C 93 23.31 20.72 36.54
CA ALA C 93 24.26 19.85 35.87
C ALA C 93 25.61 20.52 35.82
N ASN C 94 26.62 19.75 35.43
CA ASN C 94 27.97 20.23 35.25
C ASN C 94 28.32 20.32 33.77
N ILE C 95 28.98 21.42 33.40
CA ILE C 95 29.65 21.54 32.10
C ILE C 95 31.00 20.84 32.21
N TYR C 96 31.17 19.74 31.49
CA TYR C 96 32.47 19.08 31.48
C TYR C 96 33.30 19.58 30.29
N SER C 97 34.62 19.33 30.38
CA SER C 97 35.53 19.72 29.31
C SER C 97 35.43 18.83 28.09
N GLU C 98 34.90 17.63 28.25
CA GLU C 98 34.65 16.70 27.16
C GLU C 98 33.34 15.99 27.42
N PRO C 99 32.73 15.40 26.40
CA PRO C 99 31.47 14.67 26.63
C PRO C 99 31.68 13.42 27.47
N SER C 100 32.02 13.62 28.75
CA SER C 100 32.24 12.54 29.69
C SER C 100 32.09 13.08 31.11
N ARG C 101 31.41 12.33 31.96
CA ARG C 101 31.31 12.72 33.36
C ARG C 101 32.64 12.54 34.08
N ALA C 102 33.56 11.78 33.50
CA ALA C 102 34.85 11.50 34.13
C ALA C 102 35.89 12.60 33.89
N GLU C 103 35.63 13.55 32.99
CA GLU C 103 36.63 14.53 32.63
C GLU C 103 36.50 15.78 33.51
N THR C 104 37.43 16.72 33.33
CA THR C 104 37.56 17.86 34.23
C THR C 104 36.33 18.76 34.17
N ILE C 105 35.77 19.08 35.34
CA ILE C 105 34.60 19.95 35.37
C ILE C 105 35.01 21.39 35.09
N ILE C 106 34.16 22.09 34.32
CA ILE C 106 34.41 23.45 33.88
C ILE C 106 33.55 24.45 34.63
N ARG C 107 32.35 24.05 35.02
CA ARG C 107 31.46 24.96 35.71
C ARG C 107 30.23 24.21 36.21
N TYR C 108 29.63 24.73 37.28
CA TYR C 108 28.35 24.23 37.77
C TYR C 108 27.25 25.16 37.25
N VAL C 109 26.26 24.59 36.58
CA VAL C 109 25.13 25.33 36.02
C VAL C 109 23.90 25.01 36.86
N PRO C 110 23.31 25.97 37.57
CA PRO C 110 22.10 25.68 38.33
C PRO C 110 20.93 25.41 37.41
N ALA C 111 19.86 24.87 37.99
CA ALA C 111 18.67 24.60 37.20
C ALA C 111 18.04 25.89 36.71
N ASN C 112 17.40 25.80 35.55
CA ASN C 112 16.78 26.93 34.89
C ASN C 112 17.80 28.06 34.64
N SER C 113 18.96 27.68 34.09
CA SER C 113 19.97 28.62 33.64
C SER C 113 19.84 28.83 32.14
N ASP C 114 20.07 30.06 31.69
CA ASP C 114 20.10 30.36 30.27
C ASP C 114 21.43 29.89 29.70
N VAL C 115 21.36 29.06 28.65
CA VAL C 115 22.54 28.57 27.97
C VAL C 115 22.34 28.75 26.46
N THR C 116 23.39 28.47 25.71
CA THR C 116 23.35 28.56 24.25
C THR C 116 23.97 27.31 23.67
N ILE C 117 23.23 26.59 22.83
CA ILE C 117 23.76 25.38 22.22
C ILE C 117 24.61 25.76 21.03
N LEU C 118 25.80 25.18 20.97
CA LEU C 118 26.76 25.42 19.90
C LEU C 118 26.96 24.20 19.02
N ASP C 119 26.73 23.01 19.56
CA ASP C 119 26.81 21.79 18.79
C ASP C 119 25.93 20.76 19.47
N PHE C 120 25.55 19.74 18.71
CA PHE C 120 24.60 18.75 19.19
C PHE C 120 25.07 17.34 18.86
N ASN C 121 24.47 16.37 19.53
CA ASN C 121 24.69 14.95 19.30
C ASN C 121 26.13 14.56 19.60
N CYS C 122 26.68 15.13 20.67
CA CYS C 122 28.06 14.88 21.08
C CYS C 122 28.12 13.75 22.10
N ASP C 123 27.93 12.52 21.61
CA ASP C 123 27.98 11.33 22.47
C ASP C 123 27.12 11.50 23.72
N GLY C 124 25.92 12.03 23.54
CA GLY C 124 24.99 12.20 24.64
C GLY C 124 25.04 13.56 25.30
N PHE C 125 25.75 14.53 24.72
CA PHE C 125 25.90 15.86 25.30
C PHE C 125 25.56 16.91 24.26
N TYR C 126 25.18 18.09 24.74
CA TYR C 126 25.27 19.32 23.97
C TYR C 126 26.56 20.04 24.34
N ARG C 127 27.10 20.78 23.39
CA ARG C 127 28.19 21.72 23.66
C ARG C 127 27.58 23.10 23.72
N ILE C 128 27.74 23.78 24.86
CA ILE C 128 27.00 25.00 25.14
C ILE C 128 27.94 26.11 25.55
N ASN C 129 27.35 27.30 25.69
CA ASN C 129 27.97 28.47 26.29
C ASN C 129 27.09 28.91 27.45
N TYR C 130 27.62 28.81 28.66
CA TYR C 130 26.94 29.27 29.87
C TYR C 130 27.73 30.47 30.41
N ARG C 131 27.21 31.68 30.14
CA ARG C 131 27.83 32.92 30.62
C ARG C 131 29.33 32.96 30.32
N GLY C 132 29.71 32.50 29.14
CA GLY C 132 31.09 32.53 28.71
C GLY C 132 31.82 31.22 28.90
N TYR C 133 31.31 30.34 29.75
CA TYR C 133 31.94 29.05 29.96
C TYR C 133 31.51 28.07 28.88
N ILE C 134 32.47 27.31 28.38
CA ILE C 134 32.28 26.47 27.21
C ILE C 134 32.56 25.03 27.61
N GLY C 135 31.70 24.11 27.17
CA GLY C 135 31.91 22.71 27.46
C GLY C 135 30.68 21.89 27.15
N TYR C 136 30.71 20.63 27.60
CA TYR C 136 29.71 19.65 27.25
C TYR C 136 28.77 19.40 28.42
N ILE C 137 27.47 19.39 28.13
CA ILE C 137 26.43 19.20 29.13
C ILE C 137 25.48 18.10 28.65
N LEU C 138 25.02 17.28 29.58
CA LEU C 138 24.14 16.17 29.24
C LEU C 138 22.87 16.65 28.54
N GLU C 139 22.45 15.90 27.52
CA GLU C 139 21.29 16.29 26.71
C GLU C 139 20.05 16.51 27.56
N ASP C 140 19.71 15.55 28.42
CA ASP C 140 18.47 15.64 29.19
C ASP C 140 18.49 16.76 30.20
N ALA C 141 19.59 17.50 30.32
CA ALA C 141 19.60 18.67 31.20
C ALA C 141 18.98 19.90 30.56
N LEU C 142 18.80 19.92 29.24
CA LEU C 142 18.32 21.09 28.52
C LEU C 142 16.90 20.89 28.00
N GLN C 143 16.20 22.02 27.88
CA GLN C 143 14.84 22.02 27.37
C GLN C 143 14.80 21.55 25.92
N TYR C 144 15.64 22.14 25.09
CA TYR C 144 15.60 21.91 23.65
C TYR C 144 15.97 20.46 23.35
N LYS C 145 15.18 19.83 22.48
CA LYS C 145 15.42 18.46 22.04
C LYS C 145 15.68 18.49 20.54
N TRP C 146 16.92 18.22 20.14
CA TRP C 146 17.33 18.47 18.77
C TRP C 146 16.65 17.53 17.78
N LYS C 147 16.09 16.41 18.23
CA LYS C 147 15.40 15.52 17.31
C LYS C 147 13.95 15.93 17.06
N GLN C 148 13.39 16.86 17.85
CA GLN C 148 12.13 17.55 17.55
C GLN C 148 10.89 16.72 17.87
N VAL C 149 10.87 15.45 17.48
CA VAL C 149 9.70 14.59 17.64
C VAL C 149 10.07 13.53 18.67
N ASP C 150 9.06 12.86 19.20
CA ASP C 150 9.30 11.77 20.14
C ASP C 150 9.14 10.41 19.45
N GLY C 151 9.46 9.37 20.21
CA GLY C 151 9.49 8.00 19.73
C GLY C 151 10.49 7.20 20.54
N ALA C 152 10.31 5.89 20.51
CA ALA C 152 11.15 5.02 21.33
C ALA C 152 12.53 4.80 20.70
N ASN C 153 12.64 4.92 19.39
CA ASN C 153 13.92 4.79 18.71
C ASN C 153 13.92 5.71 17.49
N ASP C 154 15.10 5.86 16.86
CA ASP C 154 15.21 6.79 15.74
C ASP C 154 14.30 6.40 14.58
N GLY C 155 13.99 5.11 14.45
CA GLY C 155 13.04 4.69 13.43
C GLY C 155 11.66 5.26 13.66
N GLU C 156 11.17 5.18 14.90
CA GLU C 156 9.87 5.76 15.18
C GLU C 156 9.91 7.27 15.03
N ARG C 157 11.03 7.89 15.40
CA ARG C 157 11.17 9.32 15.21
C ARG C 157 11.13 9.68 13.74
N ALA C 158 11.88 8.93 12.91
CA ALA C 158 11.82 9.16 11.47
C ALA C 158 10.39 8.99 10.96
N ALA C 159 9.70 7.97 11.46
CA ALA C 159 8.32 7.76 11.06
C ALA C 159 7.44 8.95 11.43
N ASN C 160 7.63 9.49 12.64
CA ASN C 160 6.86 10.65 13.06
C ASN C 160 7.27 11.89 12.28
N LEU C 161 8.54 11.99 11.86
CA LEU C 161 8.94 13.16 11.07
C LEU C 161 8.22 13.17 9.74
N VAL C 162 8.15 12.02 9.07
CA VAL C 162 7.49 12.02 7.75
C VAL C 162 6.00 12.29 7.90
N LYS C 163 5.39 11.87 9.02
CA LYS C 163 3.96 12.14 9.27
C LYS C 163 3.69 13.63 9.31
N THR C 164 4.62 14.41 9.87
CA THR C 164 4.44 15.86 9.85
C THR C 164 4.33 16.41 8.44
N LYS C 165 4.78 15.66 7.43
CA LYS C 165 4.71 16.16 6.06
C LYS C 165 3.54 15.57 5.27
N LEU C 166 2.71 14.76 5.90
CA LEU C 166 1.50 14.28 5.23
C LEU C 166 0.74 15.47 4.67
N GLY C 167 0.33 15.35 3.41
CA GLY C 167 -0.35 16.40 2.70
C GLY C 167 0.54 17.30 1.87
N CYS C 168 1.83 17.36 2.15
CA CYS C 168 2.71 18.20 1.34
C CYS C 168 2.64 17.80 -0.13
N LYS C 169 2.91 18.76 -1.01
CA LYS C 169 2.82 18.53 -2.45
C LYS C 169 4.01 17.75 -2.97
N TYR C 170 3.76 16.92 -3.99
CA TYR C 170 4.82 16.24 -4.71
C TYR C 170 5.49 17.16 -5.72
N VAL C 171 6.80 17.30 -5.63
CA VAL C 171 7.59 18.02 -6.63
C VAL C 171 8.88 17.26 -6.86
N TRP C 172 9.17 16.98 -8.12
CA TRP C 172 10.38 16.24 -8.45
C TRP C 172 11.61 16.93 -7.91
N ALA C 173 12.51 16.14 -7.32
CA ALA C 173 13.85 16.57 -6.90
C ALA C 173 13.83 17.50 -5.68
N MET C 174 12.77 17.50 -4.87
CA MET C 174 12.70 18.36 -3.71
C MET C 174 12.85 17.55 -2.42
N SER C 175 13.31 18.22 -1.36
CA SER C 175 13.55 17.58 -0.07
C SER C 175 13.13 18.49 1.09
N GLY C 176 12.03 19.22 0.91
CA GLY C 176 11.52 20.02 2.01
C GLY C 176 11.85 21.50 1.94
N PRO C 177 11.26 22.30 2.83
CA PRO C 177 10.43 21.80 3.94
C PRO C 177 9.00 21.49 3.52
N ASP C 178 8.56 22.02 2.38
CA ASP C 178 7.14 21.95 2.01
C ASP C 178 6.86 21.06 0.80
N THR C 179 7.86 20.74 -0.03
CA THR C 179 7.66 19.87 -1.18
C THR C 179 8.73 18.78 -1.21
N PHE C 180 8.38 17.64 -1.82
CA PHE C 180 9.22 16.45 -1.80
C PHE C 180 8.94 15.58 -3.01
N ASP C 181 9.93 14.79 -3.37
CA ASP C 181 9.72 13.58 -4.14
C ASP C 181 10.02 12.38 -3.25
N CYS C 182 9.79 11.19 -3.80
CA CYS C 182 9.79 10.00 -2.96
C CYS C 182 11.11 9.86 -2.21
N SER C 183 12.23 9.98 -2.92
CA SER C 183 13.50 9.79 -2.23
C SER C 183 13.88 11.01 -1.40
N GLY C 184 13.49 12.21 -1.84
CA GLY C 184 13.76 13.39 -1.05
C GLY C 184 13.12 13.34 0.33
N LEU C 185 11.90 12.82 0.41
CA LEU C 185 11.23 12.69 1.72
C LEU C 185 12.09 11.87 2.68
N MET C 186 12.66 10.76 2.21
CA MET C 186 13.45 9.90 3.09
C MET C 186 14.73 10.61 3.56
N GLN C 187 15.48 11.23 2.64
CA GLN C 187 16.74 11.85 3.04
C GLN C 187 16.51 13.01 4.01
N TRP C 188 15.47 13.81 3.78
CA TRP C 188 15.15 14.90 4.70
C TRP C 188 14.89 14.37 6.12
N ALA C 189 14.11 13.29 6.25
CA ALA C 189 13.71 12.83 7.58
C ALA C 189 14.91 12.36 8.39
N TYR C 190 15.79 11.59 7.76
CA TYR C 190 16.94 11.10 8.49
C TYR C 190 18.02 12.17 8.68
N ASN C 191 18.03 13.20 7.84
CA ASN C 191 18.89 14.34 8.10
C ASN C 191 18.49 15.05 9.38
N ARG C 192 17.18 15.16 9.64
CA ARG C 192 16.72 15.70 10.92
C ARG C 192 17.18 14.87 12.11
N LEU C 193 17.55 13.61 11.90
CA LEU C 193 18.09 12.75 12.95
C LEU C 193 19.61 12.60 12.85
N ASP C 194 20.27 13.48 12.09
CA ASP C 194 21.73 13.46 11.92
C ASP C 194 22.24 12.12 11.39
N ILE C 195 21.43 11.45 10.56
CA ILE C 195 21.80 10.20 9.90
C ILE C 195 21.80 10.45 8.40
N PHE C 196 22.83 9.95 7.71
CA PHE C 196 23.02 10.23 6.29
C PHE C 196 22.60 9.04 5.45
N MET C 197 21.73 9.29 4.49
CA MET C 197 21.50 8.40 3.37
C MET C 197 21.64 9.21 2.08
N HIS C 198 21.96 8.50 1.00
CA HIS C 198 22.12 9.14 -0.29
C HIS C 198 20.75 9.60 -0.82
N ARG C 199 20.76 10.24 -1.99
CA ARG C 199 19.62 11.01 -2.46
C ARG C 199 18.68 10.21 -3.36
N THR C 200 19.19 9.25 -4.11
CA THR C 200 18.36 8.55 -5.08
C THR C 200 17.82 7.27 -4.47
N ALA C 201 16.61 6.90 -4.90
CA ALA C 201 15.91 5.78 -4.29
C ALA C 201 16.72 4.48 -4.39
N ASP C 202 17.37 4.23 -5.53
CA ASP C 202 18.04 2.95 -5.69
C ASP C 202 19.28 2.85 -4.81
N VAL C 203 19.96 3.98 -4.59
CA VAL C 203 21.12 3.96 -3.70
C VAL C 203 20.67 3.81 -2.26
N GLN C 204 19.57 4.49 -1.89
CA GLN C 204 19.01 4.30 -0.56
C GLN C 204 18.74 2.84 -0.29
N GLY C 205 18.31 2.10 -1.31
CA GLY C 205 18.02 0.68 -1.19
C GLY C 205 19.23 -0.24 -1.19
N ASN C 206 20.44 0.28 -1.30
CA ASN C 206 21.66 -0.54 -1.30
C ASN C 206 22.51 -0.31 -0.06
N HIS C 207 22.00 0.41 0.93
CA HIS C 207 22.74 0.70 2.13
C HIS C 207 21.79 0.72 3.33
N GLY C 208 22.38 0.80 4.51
CA GLY C 208 21.66 0.52 5.73
C GLY C 208 21.57 -0.97 5.98
N GLN C 209 20.97 -1.31 7.13
CA GLN C 209 20.81 -2.70 7.51
C GLN C 209 19.71 -3.34 6.68
N LEU C 210 20.04 -4.42 5.98
CA LEU C 210 19.07 -5.14 5.18
C LEU C 210 18.13 -5.97 6.05
N ILE C 211 16.83 -5.80 5.84
CA ILE C 211 15.77 -6.57 6.49
C ILE C 211 15.23 -7.51 5.43
N GLU C 212 15.55 -8.82 5.56
CA GLU C 212 15.30 -9.73 4.46
C GLU C 212 13.84 -10.11 4.33
N ASP C 213 13.11 -10.17 5.43
CA ASP C 213 11.72 -10.60 5.44
C ASP C 213 10.85 -9.45 5.91
N ALA C 214 9.75 -9.21 5.18
CA ALA C 214 8.82 -8.13 5.53
C ALA C 214 8.21 -8.31 6.91
N LYS C 215 8.13 -9.55 7.41
CA LYS C 215 7.53 -9.79 8.71
C LYS C 215 8.28 -9.10 9.84
N ASP C 216 9.56 -8.79 9.64
CA ASP C 216 10.35 -8.15 10.67
C ASP C 216 10.43 -6.64 10.53
N ILE C 217 9.63 -6.05 9.62
CA ILE C 217 9.76 -4.62 9.34
C ILE C 217 9.27 -3.81 10.54
N LEU C 218 9.85 -2.62 10.70
CA LEU C 218 9.57 -1.77 11.83
C LEU C 218 9.41 -0.33 11.37
N PRO C 219 8.71 0.50 12.14
CA PRO C 219 8.59 1.91 11.77
C PRO C 219 9.96 2.53 11.54
N GLY C 220 10.05 3.37 10.52
CA GLY C 220 11.29 3.98 10.15
C GLY C 220 12.07 3.24 9.08
N ASP C 221 11.85 1.94 8.91
CA ASP C 221 12.47 1.21 7.81
C ASP C 221 11.97 1.77 6.49
N ILE C 222 12.88 1.87 5.49
CA ILE C 222 12.51 2.32 4.16
C ILE C 222 12.32 1.10 3.26
N ILE C 223 11.43 1.26 2.28
CA ILE C 223 11.09 0.20 1.35
C ILE C 223 11.28 0.76 -0.05
N THR C 224 12.10 0.09 -0.86
CA THR C 224 12.23 0.40 -2.26
C THR C 224 11.33 -0.55 -3.04
N PHE C 225 10.85 -0.08 -4.19
CA PHE C 225 9.91 -0.81 -5.01
C PHE C 225 10.33 -0.78 -6.47
N HIS C 226 9.97 -1.85 -7.19
CA HIS C 226 10.06 -1.92 -8.64
C HIS C 226 8.73 -1.42 -9.20
N THR C 227 8.69 -0.18 -9.70
CA THR C 227 7.44 0.43 -10.17
C THR C 227 7.37 0.57 -11.68
N ASP C 228 8.38 0.14 -12.42
CA ASP C 228 8.36 0.18 -13.88
C ASP C 228 8.08 -1.21 -14.37
N SER C 229 6.88 -1.41 -14.90
CA SER C 229 6.44 -2.73 -15.34
C SER C 229 7.26 -3.27 -16.52
N GLU C 230 7.86 -2.42 -17.35
CA GLU C 230 8.75 -2.89 -18.40
C GLU C 230 10.23 -2.84 -18.05
N LYS C 231 10.59 -2.50 -16.82
CA LYS C 231 11.99 -2.57 -16.34
C LYS C 231 12.00 -3.09 -14.90
N PRO C 232 11.78 -4.39 -14.70
CA PRO C 232 11.46 -4.89 -13.35
C PRO C 232 12.60 -4.89 -12.34
N THR C 233 13.85 -4.76 -12.79
CA THR C 233 14.98 -4.68 -11.86
C THR C 233 15.28 -3.26 -11.41
N ALA C 234 14.64 -2.26 -12.01
CA ALA C 234 14.93 -0.87 -11.74
C ALA C 234 14.26 -0.43 -10.43
N VAL C 235 14.92 0.51 -9.75
CA VAL C 235 14.45 1.06 -8.48
C VAL C 235 14.40 2.57 -8.60
N THR C 236 13.18 3.14 -8.72
CA THR C 236 13.00 4.58 -8.81
C THR C 236 12.09 5.13 -7.72
N HIS C 237 11.56 4.28 -6.86
CA HIS C 237 10.52 4.67 -5.92
C HIS C 237 10.78 4.06 -4.54
N VAL C 238 10.40 4.81 -3.51
CA VAL C 238 10.72 4.45 -2.15
C VAL C 238 9.68 5.05 -1.20
N GLY C 239 9.44 4.37 -0.09
CA GLY C 239 8.60 4.87 0.98
C GLY C 239 9.14 4.39 2.32
N MET C 240 8.51 4.87 3.40
CA MET C 240 8.95 4.54 4.76
C MET C 240 7.80 3.87 5.52
N TYR C 241 8.06 2.68 6.05
CA TYR C 241 7.08 2.02 6.89
C TYR C 241 6.81 2.84 8.16
N VAL C 242 5.55 2.98 8.52
CA VAL C 242 5.20 3.79 9.69
C VAL C 242 4.28 3.04 10.65
N GLY C 243 4.15 1.74 10.48
CA GLY C 243 3.35 0.94 11.39
C GLY C 243 1.93 0.76 10.90
N ASN C 244 1.22 -0.16 11.58
CA ASN C 244 -0.18 -0.44 11.29
C ASN C 244 -0.33 -0.89 9.83
N GLY C 245 0.66 -1.62 9.32
CA GLY C 245 0.65 -2.11 7.96
C GLY C 245 0.74 -1.02 6.90
N GLN C 246 0.99 0.23 7.28
CA GLN C 246 1.04 1.33 6.33
C GLN C 246 2.46 1.81 6.14
N PHE C 247 2.73 2.35 4.96
CA PHE C 247 3.92 3.17 4.79
C PHE C 247 3.48 4.51 4.20
N ILE C 248 4.39 5.47 4.26
CA ILE C 248 4.19 6.82 3.71
C ILE C 248 5.22 7.07 2.63
N HIS C 249 4.77 7.71 1.56
CA HIS C 249 5.64 8.04 0.45
C HIS C 249 5.12 9.28 -0.22
N ALA C 250 6.02 10.02 -0.87
CA ALA C 250 5.66 11.06 -1.82
C ALA C 250 5.30 10.41 -3.14
N SER C 251 4.03 10.51 -3.54
CA SER C 251 3.52 9.68 -4.61
C SER C 251 2.90 10.53 -5.71
N THR C 252 3.03 10.05 -6.94
CA THR C 252 2.32 10.69 -8.04
C THR C 252 0.87 10.26 -8.12
N ASN C 253 0.46 9.28 -7.30
CA ASN C 253 -0.94 8.92 -7.18
C ASN C 253 -1.59 9.94 -6.24
N GLY C 254 -1.86 11.12 -6.78
CA GLY C 254 -2.34 12.26 -6.02
C GLY C 254 -1.36 13.41 -5.94
N TYR C 255 -0.10 13.20 -6.36
CA TYR C 255 0.96 14.20 -6.22
C TYR C 255 0.99 14.77 -4.80
N VAL C 256 1.18 13.88 -3.83
CA VAL C 256 1.10 14.25 -2.42
C VAL C 256 1.83 13.20 -1.60
N VAL C 257 2.36 13.61 -0.44
CA VAL C 257 2.81 12.67 0.57
C VAL C 257 1.57 12.09 1.26
N ARG C 258 1.44 10.76 1.27
CA ARG C 258 0.21 10.09 1.66
C ARG C 258 0.50 8.73 2.27
N TYR C 259 -0.47 8.21 3.03
CA TYR C 259 -0.42 6.83 3.47
C TYR C 259 -0.59 5.88 2.30
N GLN C 260 -0.15 4.64 2.50
CA GLN C 260 -0.28 3.59 1.49
C GLN C 260 -0.30 2.24 2.18
N ASP C 261 -1.23 1.38 1.79
CA ASP C 261 -1.32 0.05 2.38
C ASP C 261 -0.20 -0.83 1.84
N PHE C 262 0.66 -1.33 2.75
CA PHE C 262 1.83 -2.07 2.33
C PHE C 262 1.46 -3.41 1.68
N ASN C 263 0.55 -4.17 2.30
CA ASN C 263 0.34 -5.55 1.89
C ASN C 263 -0.38 -5.68 0.55
N SER C 264 -1.22 -4.70 0.22
CA SER C 264 -1.94 -4.67 -1.05
C SER C 264 -1.25 -3.83 -2.11
N TYR C 265 -0.08 -3.27 -1.84
CA TYR C 265 0.57 -2.40 -2.82
C TYR C 265 0.95 -3.21 -4.06
N PRO C 266 0.46 -2.86 -5.24
CA PRO C 266 0.56 -3.76 -6.39
C PRO C 266 1.91 -3.73 -7.11
N TYR C 267 2.99 -3.37 -6.43
CA TYR C 267 4.33 -3.39 -6.98
C TYR C 267 5.27 -4.15 -6.06
N PRO C 268 6.12 -5.01 -6.61
CA PRO C 268 7.02 -5.82 -5.75
C PRO C 268 8.02 -4.98 -4.99
N VAL C 269 8.38 -5.47 -3.80
CA VAL C 269 9.46 -4.89 -3.02
C VAL C 269 10.80 -5.27 -3.63
N SER C 270 11.72 -4.30 -3.66
CA SER C 270 13.11 -4.57 -3.99
C SER C 270 13.92 -4.82 -2.72
N SER C 271 13.93 -3.85 -1.80
CA SER C 271 14.65 -4.01 -0.55
C SER C 271 13.95 -3.25 0.55
N ILE C 272 14.20 -3.71 1.77
CA ILE C 272 13.84 -3.02 3.00
C ILE C 272 15.15 -2.66 3.72
N ARG C 273 15.36 -1.40 4.02
CA ARG C 273 16.62 -0.95 4.62
C ARG C 273 16.37 -0.21 5.92
N ARG C 274 17.21 -0.47 6.91
CA ARG C 274 17.08 0.12 8.23
C ARG C 274 18.28 1.00 8.47
N TYR C 275 18.06 2.32 8.44
CA TYR C 275 19.10 3.31 8.65
C TYR C 275 19.18 3.79 10.09
N TRP C 276 18.22 3.40 10.92
CA TRP C 276 18.30 3.73 12.34
C TRP C 276 19.02 2.60 13.08
N THR C 277 19.60 2.96 14.21
CA THR C 277 20.43 2.05 14.97
C THR C 277 19.96 1.87 16.41
N LYS C 278 19.30 2.85 16.98
CA LYS C 278 18.69 2.69 18.29
C LYS C 278 17.62 3.75 18.49
N GLN D 16 -27.06 -25.18 -26.03
CA GLN D 16 -27.77 -25.53 -24.80
C GLN D 16 -28.15 -24.27 -24.02
N THR D 17 -29.40 -24.21 -23.55
CA THR D 17 -29.84 -23.07 -22.76
C THR D 17 -29.43 -23.28 -21.31
N GLN D 18 -28.76 -22.29 -20.73
CA GLN D 18 -28.21 -22.40 -19.38
C GLN D 18 -28.51 -21.12 -18.63
N THR D 19 -28.51 -21.21 -17.30
CA THR D 19 -28.61 -20.04 -16.44
C THR D 19 -27.34 -19.94 -15.58
N ILE D 20 -27.31 -18.92 -14.72
CA ILE D 20 -26.12 -18.54 -13.97
C ILE D 20 -26.29 -18.95 -12.51
N GLY D 21 -25.30 -19.66 -11.97
CA GLY D 21 -25.29 -20.04 -10.58
C GLY D 21 -24.15 -19.36 -9.83
N ARG D 22 -24.46 -18.87 -8.62
CA ARG D 22 -23.47 -18.38 -7.69
C ARG D 22 -23.61 -19.18 -6.40
N LEU D 23 -22.54 -19.85 -6.00
CA LEU D 23 -22.61 -20.71 -4.83
C LEU D 23 -22.80 -19.86 -3.58
N THR D 24 -23.71 -20.29 -2.73
CA THR D 24 -24.01 -19.58 -1.50
C THR D 24 -23.67 -20.39 -0.25
N THR D 25 -23.55 -21.72 -0.38
CA THR D 25 -23.22 -22.65 0.70
C THR D 25 -23.69 -22.12 2.05
N PRO D 26 -24.99 -21.99 2.27
CA PRO D 26 -25.46 -21.30 3.49
C PRO D 26 -24.82 -21.88 4.74
N GLY D 27 -24.32 -20.99 5.59
CA GLY D 27 -23.75 -21.35 6.87
C GLY D 27 -22.37 -21.97 6.84
N THR D 28 -21.73 -22.05 5.70
CA THR D 28 -20.40 -22.63 5.62
C THR D 28 -19.77 -22.11 4.31
N ASN D 29 -18.78 -22.83 3.78
CA ASN D 29 -18.10 -22.37 2.58
C ASN D 29 -18.04 -23.42 1.48
N LEU D 30 -18.61 -24.60 1.69
CA LEU D 30 -18.40 -25.66 0.72
C LEU D 30 -19.63 -26.53 0.61
N VAL D 31 -19.72 -27.24 -0.51
CA VAL D 31 -20.78 -28.21 -0.74
C VAL D 31 -20.18 -29.35 -1.53
N LYS D 32 -20.55 -30.57 -1.17
CA LYS D 32 -20.07 -31.75 -1.86
C LYS D 32 -20.63 -31.80 -3.28
N ALA D 33 -19.83 -32.33 -4.19
CA ALA D 33 -20.25 -32.51 -5.58
C ALA D 33 -20.23 -33.98 -5.90
N TYR D 34 -21.16 -34.39 -6.74
CA TYR D 34 -21.27 -35.78 -7.15
C TYR D 34 -21.39 -35.84 -8.66
N LYS D 35 -21.11 -37.02 -9.21
CA LYS D 35 -21.09 -37.21 -10.66
C LYS D 35 -22.41 -37.73 -11.23
N THR D 36 -23.41 -38.02 -10.39
CA THR D 36 -24.75 -38.34 -10.87
C THR D 36 -25.77 -37.75 -9.92
N SER D 37 -27.02 -37.75 -10.36
CA SER D 37 -28.12 -37.21 -9.57
C SER D 37 -28.62 -38.19 -8.51
N ASN D 38 -28.09 -39.41 -8.46
CA ASN D 38 -28.41 -40.39 -7.43
C ASN D 38 -27.13 -40.96 -6.83
N PRO D 39 -26.42 -40.17 -6.05
CA PRO D 39 -25.10 -40.61 -5.59
C PRO D 39 -25.06 -41.25 -4.21
N ASP D 40 -23.96 -41.92 -3.93
CA ASP D 40 -23.59 -42.27 -2.56
C ASP D 40 -23.06 -41.01 -1.89
N LEU D 41 -23.82 -40.44 -0.95
CA LEU D 41 -23.48 -39.13 -0.43
C LEU D 41 -22.13 -39.12 0.27
N ASN D 42 -21.63 -40.28 0.68
CA ASN D 42 -20.31 -40.36 1.30
C ASN D 42 -19.18 -40.45 0.29
N ARG D 43 -19.50 -40.57 -1.00
CA ARG D 43 -18.51 -40.76 -2.05
C ARG D 43 -18.63 -39.59 -3.04
N ASN D 44 -18.30 -38.39 -2.57
CA ASN D 44 -18.29 -37.23 -3.44
C ASN D 44 -16.99 -37.19 -4.25
N CYS D 45 -17.07 -36.62 -5.45
CA CYS D 45 -15.88 -36.50 -6.28
C CYS D 45 -14.97 -35.37 -5.80
N TYR D 46 -15.54 -34.31 -5.23
CA TYR D 46 -14.78 -33.21 -4.66
C TYR D 46 -15.79 -32.25 -4.03
N TRP D 47 -15.39 -31.00 -3.83
CA TRP D 47 -16.28 -29.95 -3.34
C TRP D 47 -16.29 -28.76 -4.30
N LEU D 48 -17.32 -27.93 -4.16
CA LEU D 48 -17.33 -26.60 -4.74
C LEU D 48 -17.54 -25.62 -3.60
N TYR D 49 -17.20 -24.35 -3.82
CA TYR D 49 -16.98 -23.41 -2.73
C TYR D 49 -17.75 -22.11 -2.89
N PHE D 50 -17.84 -21.39 -1.78
CA PHE D 50 -18.64 -20.18 -1.69
C PHE D 50 -18.18 -19.12 -2.69
N ASP D 51 -19.16 -18.50 -3.34
CA ASP D 51 -19.00 -17.41 -4.30
C ASP D 51 -18.38 -17.84 -5.61
N TYR D 52 -18.18 -19.13 -5.84
CA TYR D 52 -17.84 -19.60 -7.19
C TYR D 52 -19.04 -19.43 -8.11
N TYR D 53 -18.74 -19.38 -9.41
CA TYR D 53 -19.74 -19.21 -10.44
C TYR D 53 -19.81 -20.46 -11.31
N VAL D 54 -21.03 -20.85 -11.68
CA VAL D 54 -21.28 -22.04 -12.47
C VAL D 54 -22.36 -21.73 -13.49
N HIS D 55 -22.43 -22.57 -14.52
CA HIS D 55 -23.61 -22.63 -15.37
C HIS D 55 -24.55 -23.68 -14.82
N ILE D 56 -25.82 -23.33 -14.66
CA ILE D 56 -26.85 -24.28 -14.24
C ILE D 56 -27.38 -25.00 -15.47
N LEU D 57 -27.19 -26.31 -15.50
CA LEU D 57 -27.66 -27.13 -16.61
C LEU D 57 -29.10 -27.58 -16.42
N GLY D 58 -29.51 -27.76 -15.17
CA GLY D 58 -30.82 -28.29 -14.88
C GLY D 58 -30.91 -28.68 -13.41
N TYR D 59 -32.02 -29.31 -13.07
CA TYR D 59 -32.27 -29.78 -11.72
C TYR D 59 -32.83 -31.19 -11.79
N GLU D 60 -32.52 -31.99 -10.77
CA GLU D 60 -33.01 -33.37 -10.74
C GLU D 60 -32.71 -34.04 -9.40
N ASN D 61 -33.75 -34.58 -8.75
CA ASN D 61 -33.61 -35.34 -7.51
C ASN D 61 -33.07 -34.49 -6.37
N GLY D 62 -33.40 -33.21 -6.36
CA GLY D 62 -32.90 -32.33 -5.32
C GLY D 62 -31.54 -31.74 -5.57
N PHE D 63 -30.90 -32.07 -6.69
CA PHE D 63 -29.59 -31.55 -7.04
C PHE D 63 -29.69 -30.62 -8.25
N ALA D 64 -28.81 -29.63 -8.30
CA ALA D 64 -28.59 -28.83 -9.49
C ALA D 64 -27.42 -29.40 -10.27
N HIS D 65 -27.59 -29.49 -11.59
CA HIS D 65 -26.52 -29.89 -12.50
C HIS D 65 -25.75 -28.65 -12.93
N VAL D 66 -24.47 -28.59 -12.59
CA VAL D 66 -23.68 -27.39 -12.80
C VAL D 66 -22.48 -27.69 -13.69
N ARG D 67 -21.96 -26.65 -14.34
CA ARG D 67 -20.85 -26.79 -15.27
C ARG D 67 -19.88 -25.64 -15.07
N ILE D 68 -18.59 -25.95 -15.01
CA ILE D 68 -17.50 -24.97 -15.00
C ILE D 68 -16.59 -25.33 -16.18
N GLY D 69 -16.66 -24.55 -17.25
CA GLY D 69 -15.86 -24.89 -18.42
C GLY D 69 -16.23 -26.27 -18.91
N THR D 70 -15.25 -27.16 -18.94
CA THR D 70 -15.42 -28.53 -19.39
C THR D 70 -15.82 -29.49 -18.29
N GLU D 71 -16.09 -28.99 -17.10
CA GLU D 71 -16.38 -29.84 -15.96
C GLU D 71 -17.85 -29.69 -15.61
N ASP D 72 -18.51 -30.81 -15.35
CA ASP D 72 -19.89 -30.80 -14.88
C ASP D 72 -20.00 -31.75 -13.69
N CYS D 73 -20.90 -31.41 -12.77
CA CYS D 73 -21.08 -32.16 -11.55
C CYS D 73 -22.44 -31.80 -10.98
N TRP D 74 -22.79 -32.40 -9.83
CA TRP D 74 -24.07 -32.19 -9.15
C TRP D 74 -23.86 -31.72 -7.73
N ILE D 75 -24.61 -30.68 -7.35
CA ILE D 75 -24.57 -30.17 -5.98
C ILE D 75 -25.98 -29.89 -5.52
N SER D 76 -26.18 -29.92 -4.21
CA SER D 76 -27.48 -29.63 -3.60
C SER D 76 -28.00 -28.27 -4.05
N LYS D 77 -29.30 -28.23 -4.37
CA LYS D 77 -29.93 -26.98 -4.81
C LYS D 77 -29.93 -25.92 -3.74
N ASP D 78 -29.73 -26.29 -2.48
CA ASP D 78 -29.69 -25.30 -1.42
C ASP D 78 -28.35 -24.59 -1.33
N SER D 79 -27.32 -25.10 -1.99
CA SER D 79 -25.97 -24.55 -1.87
C SER D 79 -25.70 -23.43 -2.85
N LEU D 80 -26.58 -23.22 -3.83
CA LEU D 80 -26.36 -22.18 -4.84
C LEU D 80 -27.66 -21.43 -5.08
N GLU D 81 -27.53 -20.29 -5.76
CA GLU D 81 -28.67 -19.48 -6.14
C GLU D 81 -28.53 -19.12 -7.61
N GLU D 82 -29.65 -19.16 -8.32
CA GLU D 82 -29.66 -18.72 -9.71
C GLU D 82 -29.73 -17.21 -9.71
N ILE D 83 -28.91 -16.55 -10.54
CA ILE D 83 -28.83 -15.11 -10.53
C ILE D 83 -28.87 -14.58 -11.95
N THR D 84 -29.26 -13.31 -12.06
CA THR D 84 -29.23 -12.57 -13.30
C THR D 84 -28.40 -11.32 -13.09
N ILE D 85 -27.90 -10.77 -14.19
CA ILE D 85 -26.97 -9.65 -14.14
C ILE D 85 -27.49 -8.53 -15.03
N PRO D 86 -27.90 -7.39 -14.46
CA PRO D 86 -28.33 -6.26 -15.28
C PRO D 86 -27.17 -5.36 -15.67
N THR D 87 -27.27 -4.80 -16.87
CA THR D 87 -26.25 -3.90 -17.38
C THR D 87 -26.86 -3.08 -18.51
N LYS D 88 -26.15 -2.04 -18.91
CA LYS D 88 -26.56 -1.24 -20.06
C LYS D 88 -25.67 -1.61 -21.24
N SER D 89 -26.21 -1.50 -22.44
CA SER D 89 -25.40 -1.65 -23.63
C SER D 89 -24.68 -0.35 -23.96
N VAL D 90 -23.56 -0.49 -24.67
CA VAL D 90 -22.77 0.65 -25.13
C VAL D 90 -22.58 0.65 -26.64
N THR D 91 -23.13 -0.35 -27.34
CA THR D 91 -22.91 -0.50 -28.78
C THR D 91 -24.14 -1.19 -29.34
N GLU D 92 -24.95 -0.46 -30.10
CA GLU D 92 -26.08 -1.06 -30.78
C GLU D 92 -25.63 -2.32 -31.52
N ALA D 93 -26.45 -3.36 -31.41
CA ALA D 93 -26.23 -4.65 -32.06
C ALA D 93 -27.58 -5.34 -32.06
N ASN D 94 -27.65 -6.47 -32.74
CA ASN D 94 -28.91 -7.19 -32.85
C ASN D 94 -28.95 -8.37 -31.88
N ILE D 95 -30.09 -8.51 -31.21
CA ILE D 95 -30.35 -9.68 -30.39
C ILE D 95 -30.71 -10.81 -31.36
N TYR D 96 -29.79 -11.77 -31.51
CA TYR D 96 -30.01 -12.91 -32.38
C TYR D 96 -30.72 -14.03 -31.62
N SER D 97 -31.24 -15.00 -32.37
CA SER D 97 -31.94 -16.12 -31.74
C SER D 97 -30.98 -17.13 -31.12
N GLU D 98 -29.74 -17.14 -31.59
CA GLU D 98 -28.67 -17.96 -31.04
C GLU D 98 -27.40 -17.12 -31.10
N PRO D 99 -26.31 -17.50 -30.39
CA PRO D 99 -25.10 -16.67 -30.44
C PRO D 99 -24.44 -16.60 -31.82
N SER D 100 -25.12 -15.96 -32.77
CA SER D 100 -24.62 -15.83 -34.14
C SER D 100 -25.29 -14.63 -34.80
N ARG D 101 -24.51 -13.79 -35.45
CA ARG D 101 -25.03 -12.64 -36.17
C ARG D 101 -25.72 -13.08 -37.44
N THR D 104 -30.89 -15.58 -36.91
CA THR D 104 -32.15 -14.87 -37.14
C THR D 104 -32.32 -13.74 -36.14
N ILE D 105 -32.58 -12.52 -36.64
CA ILE D 105 -32.73 -11.37 -35.76
C ILE D 105 -34.02 -11.47 -34.97
N ILE D 106 -33.94 -11.09 -33.69
CA ILE D 106 -35.10 -11.07 -32.80
C ILE D 106 -35.51 -9.66 -32.41
N ARG D 107 -34.56 -8.73 -32.29
CA ARG D 107 -34.88 -7.36 -31.92
C ARG D 107 -33.67 -6.46 -32.10
N TYR D 108 -33.67 -5.30 -31.46
CA TYR D 108 -32.61 -4.32 -31.61
C TYR D 108 -32.46 -3.59 -30.28
N VAL D 109 -31.24 -3.14 -30.00
CA VAL D 109 -30.93 -2.52 -28.72
C VAL D 109 -30.38 -1.12 -28.99
N PRO D 110 -31.07 -0.06 -28.56
CA PRO D 110 -30.57 1.30 -28.79
C PRO D 110 -29.34 1.63 -27.96
N ALA D 111 -28.74 2.78 -28.31
CA ALA D 111 -27.57 3.36 -27.67
C ALA D 111 -27.22 2.65 -26.36
N ASN D 112 -27.89 3.01 -25.27
CA ASN D 112 -27.65 2.39 -23.96
C ASN D 112 -29.00 1.97 -23.40
N SER D 113 -29.42 0.76 -23.75
CA SER D 113 -30.63 0.15 -23.21
C SER D 113 -30.29 -0.69 -21.99
N ASP D 114 -31.18 -0.63 -20.99
CA ASP D 114 -31.02 -1.44 -19.79
C ASP D 114 -31.51 -2.85 -20.10
N VAL D 115 -30.65 -3.85 -19.88
CA VAL D 115 -30.96 -5.25 -20.18
C VAL D 115 -30.56 -6.12 -18.99
N THR D 116 -30.89 -7.41 -19.10
CA THR D 116 -30.62 -8.40 -18.06
C THR D 116 -29.95 -9.63 -18.66
N ILE D 117 -28.78 -9.99 -18.14
CA ILE D 117 -28.02 -11.13 -18.63
C ILE D 117 -28.50 -12.38 -17.91
N LEU D 118 -28.71 -13.46 -18.67
CA LEU D 118 -29.12 -14.75 -18.11
C LEU D 118 -28.06 -15.83 -18.24
N ASP D 119 -27.14 -15.73 -19.20
CA ASP D 119 -26.06 -16.69 -19.37
C ASP D 119 -24.86 -15.99 -19.98
N PHE D 120 -23.67 -16.59 -19.81
CA PHE D 120 -22.43 -15.96 -20.24
C PHE D 120 -21.54 -16.96 -20.94
N ASN D 121 -20.56 -16.42 -21.68
CA ASN D 121 -19.51 -17.19 -22.35
C ASN D 121 -20.08 -18.15 -23.39
N CYS D 122 -21.08 -17.70 -24.12
CA CYS D 122 -21.69 -18.54 -25.17
C CYS D 122 -21.01 -18.21 -26.50
N ASP D 123 -19.77 -18.65 -26.62
CA ASP D 123 -18.97 -18.45 -27.82
C ASP D 123 -18.98 -16.98 -28.25
N GLY D 124 -18.74 -16.11 -27.29
CA GLY D 124 -18.65 -14.68 -27.53
C GLY D 124 -19.93 -13.93 -27.32
N PHE D 125 -20.95 -14.56 -26.76
CA PHE D 125 -22.30 -14.02 -26.74
C PHE D 125 -22.90 -14.20 -25.36
N TYR D 126 -23.31 -13.09 -24.76
CA TYR D 126 -24.22 -13.15 -23.62
C TYR D 126 -25.62 -13.57 -24.06
N ARG D 127 -26.35 -14.21 -23.15
CA ARG D 127 -27.78 -14.46 -23.28
C ARG D 127 -28.52 -13.44 -22.39
N ILE D 128 -29.41 -12.65 -22.99
CA ILE D 128 -30.00 -11.52 -22.27
C ILE D 128 -31.53 -11.51 -22.39
N ASN D 129 -32.11 -10.57 -21.66
CA ASN D 129 -33.51 -10.19 -21.73
C ASN D 129 -33.57 -8.70 -21.98
N TYR D 130 -34.10 -8.28 -23.14
CA TYR D 130 -34.26 -6.87 -23.47
C TYR D 130 -35.73 -6.51 -23.47
N ARG D 131 -36.19 -5.87 -22.38
CA ARG D 131 -37.55 -5.37 -22.27
C ARG D 131 -38.57 -6.42 -22.67
N GLY D 132 -38.31 -7.67 -22.28
CA GLY D 132 -39.19 -8.78 -22.57
C GLY D 132 -38.76 -9.68 -23.72
N TYR D 133 -37.69 -9.35 -24.43
CA TYR D 133 -37.21 -10.20 -25.53
C TYR D 133 -35.92 -10.90 -25.12
N ILE D 134 -35.87 -12.22 -25.38
CA ILE D 134 -34.80 -13.12 -24.94
C ILE D 134 -33.97 -13.54 -26.15
N GLY D 135 -32.66 -13.55 -25.97
CA GLY D 135 -31.75 -13.96 -27.03
C GLY D 135 -30.31 -13.66 -26.65
N TYR D 136 -29.44 -13.80 -27.66
CA TYR D 136 -27.99 -13.72 -27.47
C TYR D 136 -27.43 -12.43 -28.09
N ILE D 137 -26.55 -11.75 -27.36
CA ILE D 137 -25.96 -10.48 -27.79
C ILE D 137 -24.45 -10.51 -27.61
N LEU D 138 -23.73 -9.85 -28.54
CA LEU D 138 -22.26 -9.85 -28.50
C LEU D 138 -21.72 -9.32 -27.17
N GLU D 139 -20.69 -9.99 -26.66
CA GLU D 139 -20.13 -9.62 -25.36
C GLU D 139 -19.69 -8.16 -25.34
N ASP D 140 -18.88 -7.77 -26.32
CA ASP D 140 -18.32 -6.42 -26.31
C ASP D 140 -19.38 -5.33 -26.53
N ALA D 141 -20.63 -5.71 -26.76
CA ALA D 141 -21.69 -4.73 -26.91
C ALA D 141 -22.23 -4.23 -25.58
N LEU D 142 -21.96 -4.94 -24.49
CA LEU D 142 -22.51 -4.60 -23.19
C LEU D 142 -21.42 -3.99 -22.33
N GLN D 143 -21.83 -3.12 -21.41
CA GLN D 143 -20.85 -2.50 -20.52
C GLN D 143 -20.22 -3.55 -19.62
N TYR D 144 -21.04 -4.42 -19.03
CA TYR D 144 -20.52 -5.45 -18.14
C TYR D 144 -19.63 -6.44 -18.92
N LYS D 145 -18.45 -6.70 -18.38
CA LYS D 145 -17.50 -7.66 -18.93
C LYS D 145 -17.34 -8.76 -17.88
N TRP D 146 -17.79 -9.97 -18.21
CA TRP D 146 -17.96 -11.01 -17.18
C TRP D 146 -16.64 -11.53 -16.63
N LYS D 147 -15.52 -11.28 -17.32
CA LYS D 147 -14.24 -11.70 -16.78
C LYS D 147 -13.66 -10.70 -15.79
N GLN D 148 -14.18 -9.47 -15.75
CA GLN D 148 -13.84 -8.51 -14.69
C GLN D 148 -12.51 -7.79 -14.95
N VAL D 149 -11.51 -8.51 -15.48
CA VAL D 149 -10.17 -7.96 -15.63
C VAL D 149 -9.82 -7.81 -17.10
N ASP D 150 -8.71 -7.11 -17.35
CA ASP D 150 -8.13 -6.95 -18.67
C ASP D 150 -7.01 -7.97 -18.87
N GLY D 151 -6.52 -8.04 -20.09
CA GLY D 151 -5.44 -8.96 -20.42
C GLY D 151 -5.52 -9.43 -21.85
N ALA D 152 -4.36 -9.85 -22.37
CA ALA D 152 -4.27 -10.32 -23.75
C ALA D 152 -4.75 -11.74 -23.91
N ASN D 153 -4.72 -12.53 -22.84
CA ASN D 153 -5.21 -13.90 -22.83
C ASN D 153 -5.71 -14.22 -21.44
N ASP D 154 -6.33 -15.40 -21.29
CA ASP D 154 -6.86 -15.78 -19.98
C ASP D 154 -5.73 -15.92 -18.96
N GLY D 155 -4.52 -16.24 -19.39
CA GLY D 155 -3.41 -16.32 -18.45
C GLY D 155 -3.14 -14.99 -17.76
N GLU D 156 -3.04 -13.93 -18.56
CA GLU D 156 -2.85 -12.60 -17.99
C GLU D 156 -4.05 -12.17 -17.17
N ARG D 157 -5.26 -12.58 -17.57
CA ARG D 157 -6.44 -12.27 -16.78
C ARG D 157 -6.36 -12.93 -15.42
N ALA D 158 -6.00 -14.22 -15.40
CA ALA D 158 -5.83 -14.91 -14.13
C ALA D 158 -4.82 -14.20 -13.24
N ALA D 159 -3.70 -13.77 -13.82
CA ALA D 159 -2.69 -13.05 -13.05
C ALA D 159 -3.25 -11.77 -12.45
N ASN D 160 -4.03 -11.02 -13.22
CA ASN D 160 -4.59 -9.78 -12.71
C ASN D 160 -5.67 -10.07 -11.65
N LEU D 161 -6.34 -11.22 -11.76
CA LEU D 161 -7.33 -11.55 -10.73
C LEU D 161 -6.66 -11.78 -9.38
N VAL D 162 -5.53 -12.51 -9.34
CA VAL D 162 -4.88 -12.73 -8.06
C VAL D 162 -4.28 -11.43 -7.53
N LYS D 163 -3.83 -10.54 -8.43
CA LYS D 163 -3.28 -9.26 -7.97
C LYS D 163 -4.31 -8.47 -7.18
N THR D 164 -5.59 -8.59 -7.58
CA THR D 164 -6.65 -7.93 -6.81
C THR D 164 -6.74 -8.47 -5.38
N LYS D 165 -6.13 -9.61 -5.12
CA LYS D 165 -6.22 -10.25 -3.80
C LYS D 165 -4.98 -10.07 -2.94
N LEU D 166 -4.00 -9.31 -3.39
CA LEU D 166 -2.83 -9.00 -2.57
C LEU D 166 -3.25 -8.43 -1.23
N GLY D 167 -2.67 -8.97 -0.17
CA GLY D 167 -3.02 -8.55 1.16
C GLY D 167 -4.08 -9.40 1.83
N CYS D 168 -4.87 -10.16 1.08
CA CYS D 168 -5.87 -11.05 1.68
C CYS D 168 -5.17 -12.03 2.62
N LYS D 169 -5.83 -12.32 3.74
CA LYS D 169 -5.21 -13.19 4.74
C LYS D 169 -5.26 -14.66 4.35
N TYR D 170 -4.28 -15.40 4.86
CA TYR D 170 -4.19 -16.85 4.64
C TYR D 170 -5.09 -17.59 5.61
N VAL D 171 -5.94 -18.46 5.08
CA VAL D 171 -6.74 -19.37 5.88
C VAL D 171 -6.80 -20.72 5.19
N TRP D 172 -6.50 -21.78 5.93
CA TRP D 172 -6.52 -23.12 5.37
C TRP D 172 -7.89 -23.43 4.77
N ALA D 173 -7.89 -24.04 3.58
CA ALA D 173 -9.09 -24.59 2.96
C ALA D 173 -10.07 -23.52 2.48
N MET D 174 -9.60 -22.29 2.28
CA MET D 174 -10.45 -21.21 1.79
C MET D 174 -10.10 -20.88 0.35
N SER D 175 -11.10 -20.38 -0.38
CA SER D 175 -10.95 -20.03 -1.79
C SER D 175 -11.74 -18.77 -2.11
N GLY D 176 -11.79 -17.83 -1.16
CA GLY D 176 -12.42 -16.55 -1.37
C GLY D 176 -13.79 -16.28 -0.74
N PRO D 177 -14.27 -15.04 -0.85
CA PRO D 177 -13.60 -13.97 -1.63
C PRO D 177 -12.47 -13.23 -0.92
N ASP D 178 -12.37 -13.34 0.40
CA ASP D 178 -11.48 -12.50 1.18
C ASP D 178 -10.30 -13.23 1.82
N THR D 179 -10.38 -14.57 1.96
CA THR D 179 -9.30 -15.37 2.52
C THR D 179 -9.00 -16.53 1.57
N PHE D 180 -7.78 -17.04 1.63
CA PHE D 180 -7.32 -18.08 0.71
C PHE D 180 -6.24 -18.92 1.35
N ASP D 181 -6.10 -20.15 0.85
CA ASP D 181 -4.85 -20.89 0.95
C ASP D 181 -4.27 -21.03 -0.46
N CYS D 182 -3.07 -21.60 -0.55
CA CYS D 182 -2.31 -21.51 -1.79
C CYS D 182 -3.11 -22.07 -2.96
N SER D 183 -3.66 -23.26 -2.81
CA SER D 183 -4.36 -23.88 -3.93
C SER D 183 -5.73 -23.26 -4.17
N GLY D 184 -6.41 -22.82 -3.10
CA GLY D 184 -7.70 -22.16 -3.28
C GLY D 184 -7.62 -20.89 -4.11
N LEU D 185 -6.54 -20.11 -3.92
CA LEU D 185 -6.34 -18.91 -4.72
C LEU D 185 -6.36 -19.24 -6.21
N MET D 186 -5.66 -20.32 -6.60
CA MET D 186 -5.60 -20.70 -8.01
C MET D 186 -6.97 -21.11 -8.52
N GLN D 187 -7.66 -21.98 -7.78
CA GLN D 187 -8.96 -22.45 -8.25
C GLN D 187 -9.97 -21.32 -8.28
N TRP D 188 -9.94 -20.43 -7.29
CA TRP D 188 -10.80 -19.26 -7.34
C TRP D 188 -10.53 -18.43 -8.60
N ALA D 189 -9.26 -18.20 -8.91
CA ALA D 189 -8.94 -17.32 -10.02
C ALA D 189 -9.47 -17.89 -11.33
N TYR D 190 -9.24 -19.19 -11.55
CA TYR D 190 -9.67 -19.80 -12.79
C TYR D 190 -11.17 -20.09 -12.82
N ASN D 191 -11.83 -20.20 -11.66
CA ASN D 191 -13.29 -20.28 -11.69
C ASN D 191 -13.90 -18.98 -12.19
N ARG D 192 -13.34 -17.83 -11.77
CA ARG D 192 -13.80 -16.55 -12.29
C ARG D 192 -13.65 -16.47 -13.80
N LEU D 193 -12.82 -17.33 -14.40
CA LEU D 193 -12.68 -17.35 -15.84
C LEU D 193 -13.40 -18.52 -16.48
N ASP D 194 -14.32 -19.15 -15.74
CA ASP D 194 -15.06 -20.31 -16.23
C ASP D 194 -14.12 -21.40 -16.67
N ILE D 195 -12.97 -21.49 -16.02
CA ILE D 195 -12.01 -22.56 -16.26
C ILE D 195 -11.87 -23.35 -14.98
N PHE D 196 -12.10 -24.65 -15.07
CA PHE D 196 -12.07 -25.51 -13.90
C PHE D 196 -10.67 -26.08 -13.69
N MET D 197 -10.20 -26.01 -12.45
CA MET D 197 -9.10 -26.85 -12.00
C MET D 197 -9.50 -27.48 -10.67
N HIS D 198 -8.87 -28.61 -10.35
CA HIS D 198 -9.16 -29.29 -9.10
C HIS D 198 -8.57 -28.49 -7.94
N ARG D 199 -8.81 -28.98 -6.71
CA ARG D 199 -8.62 -28.16 -5.52
C ARG D 199 -7.25 -28.29 -4.87
N THR D 200 -6.57 -29.44 -4.97
CA THR D 200 -5.34 -29.65 -4.24
C THR D 200 -4.12 -29.37 -5.12
N ALA D 201 -3.04 -28.91 -4.48
CA ALA D 201 -1.87 -28.45 -5.22
C ALA D 201 -1.30 -29.55 -6.12
N ASP D 202 -1.23 -30.77 -5.61
CA ASP D 202 -0.60 -31.83 -6.38
C ASP D 202 -1.43 -32.22 -7.58
N VAL D 203 -2.76 -32.17 -7.47
CA VAL D 203 -3.60 -32.48 -8.63
C VAL D 203 -3.50 -31.33 -9.65
N GLN D 204 -3.50 -30.10 -9.17
CA GLN D 204 -3.32 -28.95 -10.08
C GLN D 204 -2.02 -29.07 -10.86
N GLY D 205 -0.96 -29.57 -10.24
CA GLY D 205 0.33 -29.72 -10.90
C GLY D 205 0.45 -30.89 -11.84
N ASN D 206 -0.62 -31.69 -11.97
CA ASN D 206 -0.62 -32.86 -12.85
C ASN D 206 -1.60 -32.71 -14.02
N HIS D 207 -2.10 -31.51 -14.27
CA HIS D 207 -3.04 -31.29 -15.38
C HIS D 207 -2.79 -29.91 -15.96
N GLY D 208 -3.44 -29.67 -17.11
CA GLY D 208 -3.10 -28.53 -17.94
C GLY D 208 -1.85 -28.80 -18.76
N GLN D 209 -1.50 -27.84 -19.62
CA GLN D 209 -0.34 -27.98 -20.49
C GLN D 209 0.96 -27.82 -19.69
N LEU D 210 1.84 -28.81 -19.77
CA LEU D 210 3.13 -28.75 -19.08
C LEU D 210 4.11 -27.82 -19.79
N ILE D 211 4.70 -26.90 -19.04
CA ILE D 211 5.74 -26.00 -19.53
C ILE D 211 7.06 -26.45 -18.92
N GLU D 212 7.92 -27.09 -19.70
CA GLU D 212 9.12 -27.71 -19.13
C GLU D 212 10.26 -26.74 -18.90
N ASP D 213 10.09 -25.45 -19.22
CA ASP D 213 11.21 -24.53 -19.34
C ASP D 213 10.82 -23.19 -18.73
N ALA D 214 11.40 -22.87 -17.57
CA ALA D 214 10.94 -21.69 -16.84
C ALA D 214 11.09 -20.41 -17.66
N LYS D 215 12.03 -20.38 -18.63
CA LYS D 215 12.16 -19.18 -19.45
C LYS D 215 10.91 -18.93 -20.29
N ASP D 216 10.11 -19.97 -20.52
CA ASP D 216 8.92 -19.90 -21.35
C ASP D 216 7.63 -19.69 -20.54
N ILE D 217 7.73 -19.41 -19.25
CA ILE D 217 6.56 -19.23 -18.42
C ILE D 217 5.87 -17.92 -18.78
N LEU D 218 4.56 -17.86 -18.57
CA LEU D 218 3.77 -16.68 -18.88
C LEU D 218 2.80 -16.40 -17.75
N PRO D 219 2.34 -15.16 -17.63
CA PRO D 219 1.38 -14.85 -16.56
C PRO D 219 0.20 -15.80 -16.63
N GLY D 220 -0.27 -16.23 -15.46
CA GLY D 220 -1.35 -17.17 -15.37
C GLY D 220 -0.91 -18.61 -15.26
N ASP D 221 0.30 -18.94 -15.71
CA ASP D 221 0.80 -20.28 -15.50
C ASP D 221 0.91 -20.55 -14.01
N ILE D 222 0.57 -21.76 -13.61
CA ILE D 222 0.69 -22.11 -12.21
C ILE D 222 1.98 -22.91 -12.01
N ILE D 223 2.54 -22.75 -10.82
CA ILE D 223 3.81 -23.37 -10.45
C ILE D 223 3.57 -24.17 -9.18
N THR D 224 3.87 -25.46 -9.21
CA THR D 224 3.89 -26.24 -7.99
C THR D 224 5.32 -26.34 -7.49
N PHE D 225 5.45 -26.50 -6.16
CA PHE D 225 6.75 -26.49 -5.49
C PHE D 225 6.87 -27.63 -4.49
N HIS D 226 8.12 -28.07 -4.29
CA HIS D 226 8.48 -28.96 -3.19
C HIS D 226 8.96 -28.11 -2.01
N THR D 227 8.14 -28.00 -0.97
CA THR D 227 8.48 -27.14 0.16
C THR D 227 8.96 -27.91 1.38
N ASP D 228 9.03 -29.24 1.30
CA ASP D 228 9.49 -30.09 2.40
C ASP D 228 10.78 -30.78 1.96
N SER D 229 11.92 -30.35 2.51
CA SER D 229 13.20 -30.95 2.12
C SER D 229 13.31 -32.42 2.55
N GLU D 230 12.60 -32.82 3.61
CA GLU D 230 12.66 -34.21 4.05
C GLU D 230 11.60 -35.10 3.39
N LYS D 231 10.79 -34.55 2.49
CA LYS D 231 9.93 -35.33 1.60
C LYS D 231 10.03 -34.66 0.24
N PRO D 232 11.17 -34.84 -0.42
CA PRO D 232 11.48 -34.00 -1.59
C PRO D 232 10.61 -34.25 -2.82
N THR D 233 9.90 -35.37 -2.91
CA THR D 233 8.98 -35.59 -4.02
C THR D 233 7.58 -35.05 -3.74
N ALA D 234 7.30 -34.59 -2.53
CA ALA D 234 5.96 -34.20 -2.17
C ALA D 234 5.61 -32.82 -2.71
N VAL D 235 4.33 -32.62 -3.00
CA VAL D 235 3.82 -31.36 -3.52
C VAL D 235 2.69 -30.89 -2.62
N THR D 236 2.93 -29.82 -1.85
CA THR D 236 1.89 -29.20 -1.01
C THR D 236 1.64 -27.73 -1.29
N HIS D 237 2.38 -27.12 -2.22
CA HIS D 237 2.29 -25.67 -2.35
C HIS D 237 2.32 -25.28 -3.82
N VAL D 238 1.65 -24.15 -4.13
CA VAL D 238 1.43 -23.74 -5.51
C VAL D 238 1.32 -22.22 -5.57
N GLY D 239 1.76 -21.67 -6.69
CA GLY D 239 1.62 -20.25 -6.95
C GLY D 239 1.39 -20.01 -8.42
N MET D 240 1.14 -18.75 -8.76
CA MET D 240 0.83 -18.35 -10.13
C MET D 240 1.80 -17.27 -10.59
N TYR D 241 2.46 -17.53 -11.73
CA TYR D 241 3.32 -16.52 -12.34
C TYR D 241 2.49 -15.34 -12.81
N VAL D 242 2.99 -14.13 -12.55
CA VAL D 242 2.25 -12.92 -12.92
C VAL D 242 3.15 -11.98 -13.72
N GLY D 243 4.27 -12.51 -14.23
CA GLY D 243 5.14 -11.75 -15.11
C GLY D 243 6.28 -11.06 -14.37
N ASN D 244 7.26 -10.60 -15.16
CA ASN D 244 8.37 -9.81 -14.63
C ASN D 244 9.14 -10.53 -13.53
N GLY D 245 9.29 -11.84 -13.67
CA GLY D 245 10.00 -12.61 -12.67
C GLY D 245 9.31 -12.71 -11.33
N GLN D 246 8.06 -12.27 -11.20
CA GLN D 246 7.30 -12.40 -9.97
C GLN D 246 6.23 -13.47 -10.12
N PHE D 247 5.95 -14.16 -9.04
CA PHE D 247 4.71 -14.92 -8.92
C PHE D 247 4.02 -14.51 -7.63
N ILE D 248 2.75 -14.85 -7.53
CA ILE D 248 1.94 -14.54 -6.36
C ILE D 248 1.45 -15.85 -5.77
N HIS D 249 1.43 -15.91 -4.44
CA HIS D 249 0.92 -17.08 -3.74
C HIS D 249 0.32 -16.63 -2.40
N ALA D 250 -0.65 -17.42 -1.94
CA ALA D 250 -1.09 -17.35 -0.56
C ALA D 250 -0.08 -18.10 0.28
N SER D 251 0.61 -17.41 1.17
CA SER D 251 1.75 -17.99 1.83
C SER D 251 1.65 -17.83 3.33
N THR D 252 2.17 -18.84 4.04
CA THR D 252 2.28 -18.77 5.49
C THR D 252 3.47 -17.89 5.91
N ASN D 253 4.31 -17.47 4.97
CA ASN D 253 5.40 -16.54 5.28
C ASN D 253 4.79 -15.14 5.33
N GLY D 254 4.12 -14.86 6.44
CA GLY D 254 3.34 -13.65 6.62
C GLY D 254 1.84 -13.91 6.70
N TYR D 255 1.40 -15.12 6.33
CA TYR D 255 -0.02 -15.46 6.31
C TYR D 255 -0.82 -14.45 5.48
N VAL D 256 -0.45 -14.36 4.20
CA VAL D 256 -1.00 -13.33 3.34
C VAL D 256 -0.79 -13.75 1.89
N VAL D 257 -1.63 -13.21 1.00
CA VAL D 257 -1.37 -13.27 -0.43
C VAL D 257 -0.33 -12.20 -0.76
N ARG D 258 0.75 -12.62 -1.41
CA ARG D 258 1.90 -11.72 -1.55
C ARG D 258 2.67 -12.05 -2.81
N TYR D 259 3.44 -11.05 -3.26
CA TYR D 259 4.42 -11.29 -4.30
C TYR D 259 5.55 -12.15 -3.78
N GLN D 260 6.23 -12.81 -4.72
CA GLN D 260 7.40 -13.62 -4.40
C GLN D 260 8.32 -13.63 -5.61
N ASP D 261 9.60 -13.39 -5.36
CA ASP D 261 10.55 -13.36 -6.46
C ASP D 261 10.76 -14.79 -6.94
N PHE D 262 10.49 -15.02 -8.22
CA PHE D 262 10.56 -16.39 -8.75
C PHE D 262 11.97 -16.93 -8.66
N ASN D 263 12.97 -16.10 -8.99
CA ASN D 263 14.34 -16.58 -9.14
C ASN D 263 15.02 -16.86 -7.81
N SER D 264 14.71 -16.11 -6.75
CA SER D 264 15.35 -16.32 -5.47
C SER D 264 14.56 -17.24 -4.54
N TYR D 265 13.43 -17.77 -5.00
CA TYR D 265 12.59 -18.63 -4.16
C TYR D 265 13.34 -19.93 -3.85
N PRO D 266 13.61 -20.24 -2.61
CA PRO D 266 14.52 -21.36 -2.30
C PRO D 266 13.86 -22.74 -2.26
N TYR D 267 12.74 -22.95 -2.96
CA TYR D 267 12.11 -24.26 -2.98
C TYR D 267 11.95 -24.73 -4.41
N PRO D 268 12.34 -25.96 -4.74
CA PRO D 268 12.36 -26.39 -6.14
C PRO D 268 11.00 -26.45 -6.78
N VAL D 269 10.97 -26.14 -8.08
CA VAL D 269 9.75 -26.31 -8.86
C VAL D 269 9.52 -27.78 -9.14
N SER D 270 8.26 -28.22 -9.00
CA SER D 270 7.84 -29.54 -9.42
C SER D 270 7.30 -29.50 -10.85
N SER D 271 6.36 -28.59 -11.12
CA SER D 271 5.83 -28.45 -12.46
C SER D 271 5.38 -27.02 -12.71
N ILE D 272 5.35 -26.66 -13.98
CA ILE D 272 4.71 -25.44 -14.47
C ILE D 272 3.58 -25.89 -15.37
N ARG D 273 2.37 -25.44 -15.07
CA ARG D 273 1.18 -25.89 -15.79
C ARG D 273 0.37 -24.70 -16.29
N ARG D 274 -0.12 -24.82 -17.52
CA ARG D 274 -0.86 -23.77 -18.21
C ARG D 274 -2.30 -24.23 -18.42
N TYR D 275 -3.22 -23.62 -17.69
CA TYR D 275 -4.63 -23.96 -17.79
C TYR D 275 -5.41 -23.04 -18.73
N TRP D 276 -4.81 -21.95 -19.17
CA TRP D 276 -5.45 -21.06 -20.13
C TRP D 276 -5.03 -21.45 -21.54
N THR D 277 -5.88 -21.10 -22.51
CA THR D 277 -5.59 -21.36 -23.93
C THR D 277 -5.69 -20.06 -24.74
#